data_5GSW
#
_entry.id   5GSW
#
_cell.length_a   94.501
_cell.length_b   70.535
_cell.length_c   94.923
_cell.angle_alpha   90.00
_cell.angle_beta   118.23
_cell.angle_gamma   90.00
#
_symmetry.space_group_name_H-M   'P 1 21 1'
#
loop_
_entity.id
_entity.type
_entity.pdbx_description
1 polymer '3C protein'
2 non-polymer ~{N}-[(2~{S})-3-(4-fluorophenyl)-1-oxidanylidene-1-[[(2~{S})-1-oxidanylidene-3-[(3~{S})-2-oxidanylidenepiperidin-3-yl]propan-2-yl]amino]propan-2-yl]-5-methyl-1,2-oxazole-3-carboxamide
3 water water
#
_entity_poly.entity_id   1
_entity_poly.type   'polypeptide(L)'
_entity_poly.pdbx_seq_one_letter_code
;GPSLDFALSLLRRNVRQVQTDQGHFTMLGVRDRLAVLPRHSQPGKTIWIEHKLVNVLDAVELVDEQGVSLELTLITLDTN
EKFRDITKFIPENISTASDATLVINTEHMPSMFVPVGDVVQYGFLNLSGKPTHRTMMYNFPTKAGQCGGVVTSVGKIIGI
HIGGNGRQGFCAGLKRSYFASEQ
;
_entity_poly.pdbx_strand_id   A,B,C,D,E
#
# COMPACT_ATOMS: atom_id res chain seq x y z
N GLY A 1 14.64 5.17 38.61
CA GLY A 1 14.32 4.20 39.65
C GLY A 1 13.95 2.84 39.06
N PRO A 2 13.23 2.00 39.83
CA PRO A 2 12.66 0.75 39.34
C PRO A 2 11.98 0.87 37.99
N SER A 3 11.07 1.83 37.88
CA SER A 3 10.19 1.95 36.72
C SER A 3 10.93 2.12 35.40
N LEU A 4 12.07 2.79 35.40
CA LEU A 4 12.83 2.95 34.17
C LEU A 4 13.92 1.87 34.03
N ASP A 5 14.44 1.43 35.16
CA ASP A 5 15.34 0.28 35.24
C ASP A 5 14.71 -0.97 34.67
N PHE A 6 13.38 -1.08 34.76
CA PHE A 6 12.66 -2.19 34.15
C PHE A 6 12.55 -1.93 32.64
N ALA A 7 12.44 -0.65 32.29
CA ALA A 7 12.33 -0.23 30.88
C ALA A 7 13.62 -0.53 30.10
N LEU A 8 14.73 -0.09 30.66
CA LEU A 8 16.02 -0.57 30.22
C LEU A 8 16.08 -2.08 29.99
N SER A 9 15.71 -2.84 31.02
CA SER A 9 15.69 -4.30 30.97
C SER A 9 14.92 -4.75 29.76
N LEU A 10 13.87 -4.02 29.48
CA LEU A 10 13.00 -4.34 28.40
C LEU A 10 13.62 -3.86 27.11
N LEU A 11 14.42 -2.80 27.21
CA LEU A 11 14.99 -2.18 26.01
C LEU A 11 16.01 -3.14 25.43
N ARG A 12 16.91 -3.58 26.29
CA ARG A 12 18.02 -4.39 25.87
C ARG A 12 17.59 -5.74 25.36
N ARG A 13 16.60 -6.32 26.03
CA ARG A 13 16.31 -7.74 25.88
C ARG A 13 15.05 -8.08 25.06
N ASN A 14 14.20 -7.11 24.78
CA ASN A 14 12.91 -7.42 24.16
C ASN A 14 12.44 -6.42 23.09
N VAL A 15 13.12 -5.30 22.96
CA VAL A 15 12.61 -4.27 22.09
C VAL A 15 13.60 -4.08 20.93
N ARG A 16 13.13 -4.38 19.73
CA ARG A 16 13.95 -4.37 18.53
C ARG A 16 13.44 -3.37 17.54
N GLN A 17 14.33 -2.82 16.72
CA GLN A 17 13.90 -1.94 15.65
C GLN A 17 13.46 -2.75 14.42
N VAL A 18 12.37 -2.33 13.79
CA VAL A 18 11.81 -3.05 12.65
C VAL A 18 11.56 -2.06 11.51
N GLN A 19 11.69 -2.55 10.27
CA GLN A 19 11.15 -1.86 9.11
C GLN A 19 10.32 -2.85 8.32
N THR A 20 9.06 -2.51 8.08
CA THR A 20 8.24 -3.24 7.13
C THR A 20 8.07 -2.33 5.94
N ASP A 21 7.24 -2.73 4.96
CA ASP A 21 6.99 -1.92 3.76
C ASP A 21 6.19 -0.65 4.11
N GLN A 22 5.76 -0.58 5.36
CA GLN A 22 4.90 0.49 5.81
C GLN A 22 5.66 1.54 6.61
N GLY A 23 6.89 1.21 7.00
CA GLY A 23 7.76 2.18 7.61
C GLY A 23 8.51 1.64 8.79
N HIS A 24 8.81 2.53 9.74
CA HIS A 24 9.56 2.17 10.91
C HIS A 24 8.63 1.84 12.05
N PHE A 25 8.95 0.83 12.85
CA PHE A 25 8.13 0.50 13.99
C PHE A 25 8.99 -0.07 15.08
N THR A 26 8.38 -0.34 16.23
CA THR A 26 9.12 -0.85 17.37
C THR A 26 8.53 -2.20 17.68
N MET A 27 9.37 -3.22 17.67
CA MET A 27 8.84 -4.55 17.86
C MET A 27 9.06 -4.99 19.27
N LEU A 28 8.07 -5.71 19.79
CA LEU A 28 8.23 -6.36 21.08
C LEU A 28 8.42 -7.86 20.88
N GLY A 29 9.52 -8.37 21.43
CA GLY A 29 9.72 -9.79 21.57
C GLY A 29 9.16 -10.32 22.87
N VAL A 30 8.13 -11.15 22.78
CA VAL A 30 7.36 -11.61 23.93
C VAL A 30 7.98 -12.83 24.64
N ARG A 31 8.35 -13.83 23.85
CA ARG A 31 9.10 -15.00 24.29
C ARG A 31 9.54 -15.85 23.09
N ASP A 32 10.63 -16.58 23.26
CA ASP A 32 11.06 -17.54 22.27
C ASP A 32 11.25 -16.90 20.91
N ARG A 33 10.30 -17.12 20.01
CA ARG A 33 10.35 -16.54 18.64
C ARG A 33 9.11 -15.74 18.31
N LEU A 34 8.41 -15.28 19.34
CA LEU A 34 7.14 -14.64 19.16
C LEU A 34 7.29 -13.15 19.43
N ALA A 35 6.71 -12.34 18.55
CA ALA A 35 6.78 -10.90 18.70
C ALA A 35 5.41 -10.32 18.46
N VAL A 36 5.26 -9.03 18.74
CA VAL A 36 4.03 -8.29 18.42
C VAL A 36 4.31 -7.01 17.65
N LEU A 37 3.57 -6.79 16.58
CA LEU A 37 3.61 -5.52 15.86
C LEU A 37 2.22 -4.97 15.88
N PRO A 38 2.10 -3.64 15.75
CA PRO A 38 0.81 -2.99 15.49
C PRO A 38 0.34 -3.47 14.15
N ARG A 39 -0.90 -3.94 14.09
CA ARG A 39 -1.44 -4.53 12.89
C ARG A 39 -1.21 -3.73 11.58
N HIS A 40 -1.00 -2.41 11.66
CA HIS A 40 -0.90 -1.65 10.40
C HIS A 40 0.52 -1.55 9.87
N SER A 41 1.50 -2.02 10.63
CA SER A 41 2.83 -2.17 10.09
C SER A 41 2.77 -3.18 8.95
N GLN A 42 1.86 -4.13 9.04
CA GLN A 42 1.62 -5.11 7.98
C GLN A 42 2.86 -5.85 7.53
N PRO A 43 3.37 -6.73 8.38
CA PRO A 43 4.53 -7.54 8.02
C PRO A 43 4.13 -8.59 7.00
N GLY A 44 4.90 -8.71 5.94
CA GLY A 44 4.67 -9.77 4.96
C GLY A 44 5.48 -11.02 5.25
N LYS A 45 5.84 -11.73 4.18
CA LYS A 45 6.55 -13.00 4.32
C LYS A 45 7.94 -12.79 4.92
N THR A 46 8.37 -11.53 5.01
CA THR A 46 9.66 -11.18 5.57
C THR A 46 9.58 -9.79 6.22
N ILE A 47 10.72 -9.28 6.71
CA ILE A 47 10.75 -8.15 7.61
C ILE A 47 12.21 -7.80 8.00
N TRP A 48 12.49 -6.52 8.21
CA TRP A 48 13.83 -6.15 8.67
C TRP A 48 13.82 -5.95 10.19
N ILE A 49 14.82 -6.50 10.83
CA ILE A 49 14.96 -6.39 12.27
C ILE A 49 16.38 -6.03 12.56
N GLU A 50 16.60 -4.77 12.91
CA GLU A 50 17.94 -4.23 12.99
C GLU A 50 18.61 -4.51 11.65
N HIS A 51 17.89 -4.20 10.59
CA HIS A 51 18.48 -4.26 9.27
C HIS A 51 18.89 -5.67 8.77
N LYS A 52 18.93 -6.69 9.62
CA LYS A 52 19.13 -8.05 9.11
C LYS A 52 17.78 -8.58 8.65
N LEU A 53 17.75 -9.32 7.55
CA LEU A 53 16.49 -9.89 7.04
C LEU A 53 16.05 -11.10 7.84
N VAL A 54 14.87 -11.01 8.42
CA VAL A 54 14.34 -12.10 9.18
C VAL A 54 13.15 -12.69 8.41
N ASN A 55 13.00 -14.02 8.44
CA ASN A 55 11.87 -14.68 7.80
C ASN A 55 10.69 -14.79 8.75
N VAL A 56 9.50 -14.57 8.21
CA VAL A 56 8.30 -14.52 9.03
C VAL A 56 7.47 -15.76 8.74
N LEU A 57 7.39 -16.63 9.74
CA LEU A 57 6.75 -17.92 9.61
C LEU A 57 5.25 -17.81 9.86
N ASP A 58 4.84 -17.56 11.10
CA ASP A 58 3.41 -17.31 11.36
C ASP A 58 3.11 -15.83 11.45
N ALA A 59 1.82 -15.48 11.42
CA ALA A 59 1.39 -14.09 11.60
C ALA A 59 -0.11 -14.00 11.82
N VAL A 60 -0.54 -13.75 13.04
CA VAL A 60 -1.98 -13.57 13.27
C VAL A 60 -2.31 -12.12 13.63
N GLU A 61 -3.46 -11.65 13.14
CA GLU A 61 -3.92 -10.31 13.49
C GLU A 61 -5.11 -10.39 14.43
N LEU A 62 -4.94 -9.88 15.64
CA LEU A 62 -5.91 -10.12 16.71
C LEU A 62 -7.27 -9.40 16.57
N VAL A 63 -8.31 -10.07 17.09
CA VAL A 63 -9.68 -9.57 17.01
C VAL A 63 -10.60 -9.85 18.19
N ASP A 64 -11.55 -8.91 18.37
CA ASP A 64 -12.68 -9.02 19.27
C ASP A 64 -13.35 -10.37 19.13
N GLU A 65 -13.95 -10.87 20.22
CA GLU A 65 -14.80 -12.05 20.09
C GLU A 65 -15.94 -11.70 19.11
N GLN A 66 -16.26 -10.42 19.06
CA GLN A 66 -17.14 -9.82 18.05
C GLN A 66 -16.46 -9.71 16.70
N GLY A 67 -15.14 -9.89 16.69
CA GLY A 67 -14.39 -9.89 15.45
C GLY A 67 -13.81 -8.55 15.05
N VAL A 68 -13.76 -7.59 15.96
CA VAL A 68 -13.24 -6.29 15.59
C VAL A 68 -11.71 -6.21 15.56
N SER A 69 -11.11 -5.12 15.11
CA SER A 69 -9.66 -5.03 15.06
C SER A 69 -9.22 -4.86 16.46
N LEU A 70 -8.07 -5.40 16.79
CA LEU A 70 -7.37 -4.97 17.95
C LEU A 70 -6.09 -4.31 17.55
N GLU A 71 -5.91 -4.06 16.27
CA GLU A 71 -4.70 -3.52 15.74
C GLU A 71 -3.47 -4.07 16.39
N LEU A 72 -3.22 -5.34 16.18
CA LEU A 72 -2.09 -5.97 16.79
C LEU A 72 -1.86 -7.16 15.98
N THR A 73 -0.62 -7.57 15.84
CA THR A 73 -0.29 -8.71 15.00
C THR A 73 0.78 -9.50 15.72
N LEU A 74 0.53 -10.78 15.91
CA LEU A 74 1.52 -11.63 16.55
C LEU A 74 2.33 -12.23 15.45
N ILE A 75 3.65 -12.09 15.48
CA ILE A 75 4.48 -12.77 14.49
C ILE A 75 5.37 -13.79 15.17
N THR A 76 5.77 -14.77 14.38
CA THR A 76 6.63 -15.86 14.80
C THR A 76 7.88 -15.79 13.93
N LEU A 77 8.97 -15.23 14.49
CA LEU A 77 10.14 -14.92 13.68
C LEU A 77 10.90 -16.20 13.44
N ASP A 78 11.92 -16.15 12.58
CA ASP A 78 12.64 -17.36 12.16
C ASP A 78 14.09 -17.42 12.65
N THR A 79 14.30 -17.66 13.95
CA THR A 79 15.65 -17.81 14.53
C THR A 79 15.89 -18.79 15.71
N ASN A 80 17.16 -19.18 15.85
CA ASN A 80 17.63 -19.90 17.01
C ASN A 80 17.74 -18.98 18.22
N GLU A 81 17.59 -17.67 18.00
CA GLU A 81 17.59 -16.68 19.09
C GLU A 81 16.30 -16.86 19.91
N LYS A 82 16.35 -16.75 21.23
CA LYS A 82 15.11 -16.82 21.98
C LYS A 82 14.84 -15.55 22.72
N PHE A 83 13.64 -15.01 22.52
CA PHE A 83 13.19 -13.86 23.30
C PHE A 83 13.03 -14.25 24.78
N ARG A 84 13.66 -13.48 25.67
CA ARG A 84 13.44 -13.66 27.10
C ARG A 84 11.97 -13.37 27.40
N ASP A 85 11.26 -14.37 27.93
CA ASP A 85 9.81 -14.31 28.16
C ASP A 85 9.36 -13.21 29.14
N ILE A 86 8.80 -12.12 28.64
CA ILE A 86 8.33 -11.07 29.53
C ILE A 86 6.80 -11.16 29.75
N THR A 87 6.22 -12.31 29.44
CA THR A 87 4.76 -12.47 29.54
C THR A 87 4.21 -12.24 30.94
N LYS A 88 5.03 -12.53 31.96
CA LYS A 88 4.59 -12.49 33.36
C LYS A 88 4.39 -11.05 33.79
N PHE A 89 4.79 -10.14 32.92
CA PHE A 89 4.67 -8.75 33.25
C PHE A 89 3.44 -8.16 32.57
N ILE A 90 2.91 -8.88 31.58
CA ILE A 90 1.68 -8.43 30.93
C ILE A 90 0.52 -8.70 31.87
N PRO A 91 -0.39 -7.74 32.04
CA PRO A 91 -1.42 -7.98 33.04
C PRO A 91 -2.36 -9.08 32.61
N GLU A 92 -3.04 -9.68 33.58
CA GLU A 92 -4.19 -10.53 33.29
C GLU A 92 -5.27 -9.80 32.52
N ASN A 93 -5.58 -8.56 32.91
CA ASN A 93 -6.54 -7.71 32.19
C ASN A 93 -5.92 -6.43 31.69
N ILE A 94 -6.51 -5.88 30.63
CA ILE A 94 -6.10 -4.56 30.15
C ILE A 94 -6.34 -3.53 31.27
N SER A 95 -5.24 -3.11 31.92
CA SER A 95 -5.28 -2.18 33.05
C SER A 95 -4.90 -0.78 32.59
N THR A 96 -5.51 0.24 33.19
CA THR A 96 -5.01 1.60 33.05
C THR A 96 -3.72 1.72 33.83
N ALA A 97 -3.05 2.87 33.81
CA ALA A 97 -1.84 2.97 34.64
C ALA A 97 -1.47 4.38 35.01
N SER A 98 -0.55 4.46 35.98
CA SER A 98 -0.31 5.68 36.72
C SER A 98 0.68 6.54 35.99
N ASP A 99 1.93 6.15 35.93
CA ASP A 99 2.82 7.13 35.38
C ASP A 99 3.67 6.64 34.25
N ALA A 100 3.03 6.19 33.19
CA ALA A 100 3.69 5.37 32.18
C ALA A 100 4.79 6.06 31.39
N THR A 101 5.83 5.31 31.07
CA THR A 101 6.73 5.80 30.07
C THR A 101 6.60 4.88 28.86
N LEU A 102 6.85 5.46 27.69
CA LEU A 102 6.80 4.78 26.41
C LEU A 102 8.23 4.42 25.93
N VAL A 103 8.55 3.11 25.90
CA VAL A 103 9.80 2.61 25.29
C VAL A 103 9.69 2.40 23.78
N ILE A 104 10.41 3.24 23.03
CA ILE A 104 10.45 3.18 21.57
C ILE A 104 11.86 2.91 21.10
N ASN A 105 12.00 2.08 20.09
CA ASN A 105 13.32 1.85 19.55
C ASN A 105 13.34 1.55 18.06
N THR A 106 13.25 2.58 17.21
CA THR A 106 13.40 2.37 15.78
C THR A 106 14.70 2.97 15.31
N GLU A 107 15.07 2.69 14.05
CA GLU A 107 16.30 3.22 13.47
C GLU A 107 16.47 4.68 13.84
N HIS A 108 15.38 5.41 13.75
CA HIS A 108 15.42 6.83 13.97
C HIS A 108 15.32 7.21 15.43
N MET A 109 14.52 6.48 16.17
CA MET A 109 14.32 6.80 17.58
C MET A 109 14.88 5.73 18.51
N PRO A 110 16.21 5.64 18.60
CA PRO A 110 16.79 4.56 19.39
C PRO A 110 16.80 4.87 20.87
N SER A 111 16.38 3.90 21.66
CA SER A 111 16.57 3.96 23.10
C SER A 111 15.75 5.08 23.68
N MET A 112 14.62 5.35 23.05
CA MET A 112 13.83 6.51 23.41
C MET A 112 12.76 6.22 24.46
N PHE A 113 12.82 6.95 25.59
CA PHE A 113 11.77 6.93 26.59
C PHE A 113 10.91 8.15 26.41
N VAL A 114 9.59 8.01 26.47
CA VAL A 114 8.75 9.17 26.33
C VAL A 114 7.76 9.21 27.46
N PRO A 115 7.73 10.29 28.22
CA PRO A 115 6.89 10.21 29.41
C PRO A 115 5.47 10.67 29.15
N VAL A 116 4.59 9.72 28.85
CA VAL A 116 3.23 10.05 28.45
C VAL A 116 2.34 10.28 29.66
N GLY A 117 2.90 10.06 30.84
CA GLY A 117 2.14 10.23 32.05
C GLY A 117 1.05 9.19 32.16
N ASP A 118 -0.11 9.58 32.67
CA ASP A 118 -1.17 8.62 32.97
C ASP A 118 -1.63 8.01 31.65
N VAL A 119 -1.94 6.72 31.66
CA VAL A 119 -2.62 6.05 30.55
C VAL A 119 -3.96 5.57 31.06
N VAL A 120 -5.03 6.07 30.44
CA VAL A 120 -6.40 5.83 30.87
C VAL A 120 -7.05 4.97 29.80
N GLN A 121 -8.22 4.38 30.05
CA GLN A 121 -8.79 3.53 29.01
C GLN A 121 -9.90 4.17 28.16
N TYR A 122 -9.87 3.89 26.87
CA TYR A 122 -10.73 4.60 25.96
C TYR A 122 -11.61 3.65 25.13
N GLY A 123 -11.09 2.49 24.71
CA GLY A 123 -11.93 1.44 24.14
C GLY A 123 -12.02 1.51 22.64
N PHE A 124 -13.25 1.48 22.11
CA PHE A 124 -13.48 1.66 20.67
C PHE A 124 -12.82 2.94 20.21
N LEU A 125 -12.24 2.91 19.01
CA LEU A 125 -11.49 4.06 18.52
C LEU A 125 -11.34 4.03 17.01
N ASN A 126 -12.08 4.88 16.32
CA ASN A 126 -12.03 4.83 14.87
C ASN A 126 -11.02 5.81 14.26
N LEU A 127 -9.75 5.37 14.19
CA LEU A 127 -8.70 6.23 13.67
C LEU A 127 -8.77 6.49 12.17
N SER A 128 -8.36 5.48 11.40
CA SER A 128 -8.12 5.66 9.96
C SER A 128 -9.36 5.50 9.15
N GLY A 129 -10.40 5.03 9.83
CA GLY A 129 -11.57 4.54 9.12
C GLY A 129 -11.72 3.07 9.46
N LYS A 130 -10.60 2.42 9.76
CA LYS A 130 -10.65 1.13 10.40
C LYS A 130 -10.82 1.40 11.88
N PRO A 131 -11.86 0.80 12.48
CA PRO A 131 -12.03 0.96 13.92
C PRO A 131 -11.14 -0.02 14.68
N THR A 132 -11.17 0.05 16.01
CA THR A 132 -10.25 -0.71 16.84
C THR A 132 -10.82 -0.77 18.25
N HIS A 133 -10.73 -1.92 18.89
CA HIS A 133 -11.25 -2.06 20.23
C HIS A 133 -10.14 -2.18 21.23
N ARG A 134 -10.49 -2.05 22.52
CA ARG A 134 -9.58 -2.27 23.65
C ARG A 134 -8.33 -1.38 23.63
N THR A 135 -8.49 -0.15 23.17
CA THR A 135 -7.41 0.82 23.07
C THR A 135 -7.41 1.65 24.31
N MET A 136 -6.27 2.25 24.67
CA MET A 136 -6.21 3.15 25.83
C MET A 136 -5.59 4.48 25.43
N MET A 137 -5.81 5.52 26.23
CA MET A 137 -5.34 6.85 25.82
C MET A 137 -4.42 7.53 26.82
N TYR A 138 -3.29 8.03 26.35
CA TYR A 138 -2.44 8.89 27.17
C TYR A 138 -2.61 10.33 26.70
N ASN A 139 -2.27 11.32 27.53
CA ASN A 139 -2.38 12.71 27.08
C ASN A 139 -1.05 13.24 26.61
N PHE A 140 -0.72 12.93 25.37
CA PHE A 140 0.60 13.22 24.89
C PHE A 140 0.56 13.29 23.36
N PRO A 141 1.21 14.32 22.78
CA PRO A 141 1.23 14.62 21.34
C PRO A 141 2.21 13.71 20.56
N THR A 142 1.90 12.42 20.65
CA THR A 142 2.47 11.27 19.93
C THR A 142 2.57 11.51 18.42
N LYS A 143 3.73 11.20 17.84
CA LYS A 143 4.02 11.53 16.44
C LYS A 143 4.20 10.26 15.58
N ALA A 144 4.46 10.41 14.28
CA ALA A 144 4.60 9.25 13.44
C ALA A 144 5.86 8.52 13.80
N GLY A 145 6.06 7.35 13.18
CA GLY A 145 7.18 6.47 13.46
C GLY A 145 7.36 5.96 14.89
N GLN A 146 6.29 5.95 15.68
CA GLN A 146 6.38 5.56 17.09
C GLN A 146 5.57 4.29 17.38
N CYS A 147 4.50 4.16 16.60
CA CYS A 147 3.66 2.97 16.51
C CYS A 147 4.41 1.68 16.76
N GLY A 148 3.98 0.96 17.81
CA GLY A 148 4.52 -0.35 18.17
C GLY A 148 5.27 -0.28 19.47
N GLY A 149 5.69 0.94 19.80
CA GLY A 149 6.43 1.27 21.01
C GLY A 149 5.71 0.79 22.24
N VAL A 150 6.49 0.39 23.23
CA VAL A 150 5.94 -0.34 24.38
C VAL A 150 5.53 0.60 25.52
N VAL A 151 4.41 0.33 26.20
CA VAL A 151 3.94 1.19 27.30
C VAL A 151 4.16 0.49 28.67
N THR A 152 5.13 0.97 29.45
CA THR A 152 5.39 0.36 30.77
C THR A 152 5.27 1.30 31.96
N SER A 153 4.39 0.96 32.88
CA SER A 153 4.39 1.60 34.19
C SER A 153 4.62 0.53 35.24
N VAL A 154 5.42 0.88 36.24
CA VAL A 154 5.71 0.02 37.38
C VAL A 154 5.87 -1.48 36.99
N GLY A 155 6.78 -1.77 36.06
CA GLY A 155 7.16 -3.15 35.79
C GLY A 155 6.06 -3.97 35.15
N LYS A 156 5.11 -3.30 34.53
CA LYS A 156 4.07 -3.96 33.76
C LYS A 156 4.11 -3.55 32.28
N ILE A 157 3.58 -4.42 31.44
CA ILE A 157 3.56 -4.21 30.01
C ILE A 157 2.13 -4.19 29.59
N ILE A 158 1.56 -2.99 29.49
CA ILE A 158 0.13 -2.85 29.27
C ILE A 158 -0.29 -2.31 27.91
N GLY A 159 0.66 -2.06 27.03
CA GLY A 159 0.27 -1.44 25.77
C GLY A 159 1.30 -1.32 24.68
N ILE A 160 0.82 -1.49 23.46
CA ILE A 160 1.57 -1.20 22.25
C ILE A 160 0.91 0.00 21.58
N HIS A 161 1.71 1.02 21.30
CA HIS A 161 1.17 2.28 20.78
C HIS A 161 0.52 2.08 19.41
N ILE A 162 -0.49 2.88 19.04
CA ILE A 162 -1.06 2.66 17.71
C ILE A 162 -1.55 3.88 16.96
N GLY A 163 -2.24 4.76 17.63
CA GLY A 163 -2.74 5.99 17.04
C GLY A 163 -2.30 7.24 17.74
N GLY A 164 -2.78 8.38 17.24
CA GLY A 164 -2.56 9.65 17.91
C GLY A 164 -3.39 10.62 17.15
N ASN A 165 -3.30 11.88 17.54
CA ASN A 165 -4.09 12.89 16.89
C ASN A 165 -3.50 14.23 17.17
N GLY A 166 -2.21 14.27 17.51
CA GLY A 166 -1.55 15.54 17.67
C GLY A 166 -1.58 16.14 19.07
N ARG A 167 -2.46 15.64 19.95
CA ARG A 167 -2.43 16.07 21.34
C ARG A 167 -2.47 14.86 22.27
N GLN A 168 -3.22 13.85 21.86
CA GLN A 168 -3.30 12.62 22.62
C GLN A 168 -2.62 11.54 21.80
N GLY A 169 -2.28 10.44 22.45
CA GLY A 169 -1.79 9.23 21.78
C GLY A 169 -2.67 8.09 22.25
N PHE A 170 -2.75 7.01 21.48
CA PHE A 170 -3.59 5.88 21.87
C PHE A 170 -2.82 4.60 21.70
N CYS A 171 -2.90 3.72 22.70
CA CYS A 171 -2.22 2.44 22.59
C CYS A 171 -3.20 1.29 22.42
N ALA A 172 -2.68 0.19 21.90
CA ALA A 172 -3.42 -1.05 21.91
C ALA A 172 -3.18 -1.70 23.27
N GLY A 173 -4.24 -1.92 24.04
CA GLY A 173 -4.09 -2.50 25.37
C GLY A 173 -3.78 -3.97 25.26
N LEU A 174 -2.92 -4.46 26.15
CA LEU A 174 -2.54 -5.88 26.14
C LEU A 174 -3.18 -6.63 27.30
N LYS A 175 -3.42 -7.92 27.14
CA LYS A 175 -3.69 -8.81 28.28
C LYS A 175 -2.95 -10.11 28.01
N ARG A 176 -2.57 -10.82 29.08
CA ARG A 176 -1.64 -11.92 28.90
C ARG A 176 -2.15 -12.98 27.93
N SER A 177 -3.44 -13.32 28.05
CA SER A 177 -4.09 -14.36 27.23
C SER A 177 -3.66 -14.36 25.77
N TYR A 178 -3.45 -13.17 25.22
CA TYR A 178 -2.97 -12.99 23.86
C TYR A 178 -1.80 -13.91 23.52
N PHE A 179 -0.86 -14.06 24.44
CA PHE A 179 0.39 -14.70 24.10
C PHE A 179 0.41 -16.04 24.80
N ALA A 180 -0.79 -16.63 24.85
CA ALA A 180 -1.06 -17.97 25.37
C ALA A 180 -0.26 -19.05 24.63
N SER A 181 -0.74 -19.36 23.40
CA SER A 181 -0.40 -20.56 22.62
C SER A 181 0.96 -21.25 22.90
N PRO B 2 24.39 -7.74 5.49
CA PRO B 2 23.06 -7.63 4.89
C PRO B 2 22.84 -6.36 4.09
N SER B 3 23.85 -5.52 3.93
CA SER B 3 23.68 -4.34 3.09
C SER B 3 23.33 -4.82 1.67
N LEU B 4 23.81 -6.02 1.35
CA LEU B 4 23.55 -6.67 0.07
C LEU B 4 22.21 -7.39 0.15
N ASP B 5 21.86 -7.91 1.34
CA ASP B 5 20.58 -8.62 1.52
C ASP B 5 19.43 -7.72 1.13
N PHE B 6 19.48 -6.45 1.58
CA PHE B 6 18.45 -5.47 1.27
C PHE B 6 18.44 -5.10 -0.20
N ALA B 7 19.62 -4.95 -0.80
CA ALA B 7 19.72 -4.73 -2.23
C ALA B 7 18.99 -5.86 -2.97
N LEU B 8 19.26 -7.08 -2.54
CA LEU B 8 18.70 -8.30 -3.13
C LEU B 8 17.20 -8.33 -3.11
N SER B 9 16.65 -8.14 -1.90
CA SER B 9 15.22 -7.87 -1.66
C SER B 9 14.62 -7.02 -2.78
N LEU B 10 14.69 -5.71 -2.59
CA LEU B 10 14.44 -4.68 -3.58
C LEU B 10 14.40 -5.09 -5.04
N LEU B 11 15.40 -5.83 -5.47
CA LEU B 11 15.54 -6.22 -6.87
C LEU B 11 14.32 -6.86 -7.50
N ARG B 12 14.00 -8.07 -7.04
CA ARG B 12 12.99 -8.94 -7.66
C ARG B 12 11.83 -8.20 -8.30
N ARG B 13 11.29 -7.24 -7.56
CA ARG B 13 10.01 -6.67 -7.89
C ARG B 13 10.09 -5.22 -8.36
N ASN B 14 11.27 -4.60 -8.27
CA ASN B 14 11.39 -3.16 -8.47
C ASN B 14 12.54 -2.70 -9.35
N VAL B 15 13.52 -3.55 -9.62
CA VAL B 15 14.61 -3.07 -10.43
C VAL B 15 14.58 -3.78 -11.78
N ARG B 16 14.70 -3.00 -12.85
CA ARG B 16 14.30 -3.48 -14.17
C ARG B 16 15.26 -3.22 -15.33
N GLN B 17 15.52 -4.26 -16.12
CA GLN B 17 16.29 -4.12 -17.34
C GLN B 17 15.52 -3.22 -18.34
N VAL B 18 16.17 -2.18 -18.87
CA VAL B 18 15.50 -1.19 -19.68
C VAL B 18 16.39 -0.67 -20.81
N GLN B 19 15.82 -0.57 -22.00
CA GLN B 19 16.53 -0.01 -23.14
C GLN B 19 15.84 1.17 -23.83
N THR B 20 16.61 2.19 -24.18
CA THR B 20 16.05 3.33 -24.86
C THR B 20 16.94 3.68 -26.01
N ASP B 21 16.45 4.62 -26.83
CA ASP B 21 17.17 5.14 -27.99
C ASP B 21 18.52 5.74 -27.62
N GLN B 22 18.69 5.98 -26.32
CA GLN B 22 19.95 6.40 -25.75
C GLN B 22 20.86 5.24 -25.34
N GLY B 23 20.27 4.07 -25.10
CA GLY B 23 21.07 2.91 -24.75
C GLY B 23 20.44 2.05 -23.68
N HIS B 24 21.30 1.47 -22.85
CA HIS B 24 20.88 0.46 -21.88
C HIS B 24 20.83 1.02 -20.44
N PHE B 25 19.66 1.00 -19.80
CA PHE B 25 19.58 1.52 -18.43
C PHE B 25 18.92 0.59 -17.39
N THR B 26 19.22 0.86 -16.13
CA THR B 26 18.55 0.21 -15.03
C THR B 26 17.37 1.05 -14.59
N MET B 27 16.16 0.51 -14.69
CA MET B 27 14.99 1.26 -14.24
C MET B 27 14.63 0.88 -12.82
N LEU B 28 14.02 1.80 -12.08
CA LEU B 28 13.56 1.52 -10.72
C LEU B 28 12.06 1.76 -10.55
N GLY B 29 11.32 0.67 -10.41
CA GLY B 29 9.90 0.78 -10.20
C GLY B 29 9.68 1.28 -8.80
N VAL B 30 8.87 2.32 -8.62
CA VAL B 30 8.75 2.90 -7.28
C VAL B 30 7.50 2.45 -6.57
N ARG B 31 6.38 2.43 -7.31
CA ARG B 31 5.09 1.94 -6.81
C ARG B 31 4.06 2.01 -7.92
N ASP B 32 3.12 1.07 -7.91
CA ASP B 32 2.02 1.02 -8.90
C ASP B 32 2.54 0.95 -10.32
N ARG B 33 2.51 2.05 -11.06
CA ARG B 33 3.19 2.01 -12.35
C ARG B 33 4.07 3.21 -12.56
N LEU B 34 4.83 3.57 -11.52
CA LEU B 34 5.75 4.69 -11.58
C LEU B 34 7.21 4.22 -11.60
N ALA B 35 8.04 4.91 -12.40
CA ALA B 35 9.47 4.58 -12.49
C ALA B 35 10.39 5.82 -12.51
N VAL B 36 11.66 5.56 -12.23
CA VAL B 36 12.69 6.57 -12.38
C VAL B 36 13.74 6.10 -13.34
N LEU B 37 13.96 6.89 -14.39
CA LEU B 37 15.14 6.75 -15.21
C LEU B 37 15.97 8.01 -15.00
N PRO B 38 17.31 7.90 -15.06
CA PRO B 38 18.09 9.15 -14.96
C PRO B 38 17.91 10.02 -16.18
N ARG B 39 17.26 11.17 -16.03
CA ARG B 39 16.87 12.07 -17.15
C ARG B 39 17.47 11.84 -18.56
N HIS B 40 18.78 11.55 -18.61
CA HIS B 40 19.49 11.47 -19.90
C HIS B 40 19.14 10.21 -20.66
N SER B 41 18.32 9.34 -20.09
CA SER B 41 17.90 8.15 -20.83
C SER B 41 16.94 8.60 -21.94
N GLN B 42 16.40 9.80 -21.77
CA GLN B 42 15.41 10.37 -22.67
C GLN B 42 14.37 9.39 -23.24
N PRO B 43 13.60 8.73 -22.35
CA PRO B 43 12.56 7.77 -22.70
C PRO B 43 11.59 8.19 -23.79
N GLY B 44 11.19 7.21 -24.61
CA GLY B 44 10.27 7.42 -25.70
C GLY B 44 8.77 7.39 -25.40
N LYS B 45 7.97 7.35 -26.46
CA LYS B 45 6.54 7.12 -26.35
C LYS B 45 6.42 5.68 -25.92
N THR B 46 7.36 4.87 -26.39
CA THR B 46 7.54 3.54 -25.82
C THR B 46 9.02 3.27 -25.55
N ILE B 47 9.25 2.20 -24.78
CA ILE B 47 10.54 1.84 -24.23
C ILE B 47 10.61 0.33 -23.92
N TRP B 48 11.74 -0.32 -24.21
CA TRP B 48 11.87 -1.76 -24.04
C TRP B 48 12.10 -2.07 -22.60
N ILE B 49 11.40 -3.07 -22.05
CA ILE B 49 11.62 -3.41 -20.65
C ILE B 49 11.58 -4.95 -20.46
N GLU B 50 12.78 -5.54 -20.50
CA GLU B 50 13.02 -6.97 -20.29
C GLU B 50 12.65 -7.74 -21.56
N HIS B 51 12.88 -7.06 -22.68
CA HIS B 51 12.68 -7.55 -24.04
C HIS B 51 11.27 -7.39 -24.61
N LYS B 52 10.32 -6.90 -23.79
CA LYS B 52 9.02 -6.51 -24.32
C LYS B 52 8.78 -4.99 -24.22
N LEU B 53 8.02 -4.49 -25.20
CA LEU B 53 7.79 -3.07 -25.46
C LEU B 53 6.70 -2.44 -24.60
N VAL B 54 7.07 -1.43 -23.82
CA VAL B 54 6.13 -0.80 -22.90
C VAL B 54 5.83 0.58 -23.36
N ASN B 55 4.57 0.97 -23.33
CA ASN B 55 4.22 2.34 -23.68
C ASN B 55 4.35 3.27 -22.48
N VAL B 56 4.89 4.46 -22.72
CA VAL B 56 4.99 5.49 -21.69
C VAL B 56 3.82 6.46 -21.79
N LEU B 57 2.98 6.50 -20.76
CA LEU B 57 1.82 7.38 -20.76
C LEU B 57 2.19 8.78 -20.29
N ASP B 58 3.24 8.89 -19.48
CA ASP B 58 3.58 10.19 -18.93
C ASP B 58 5.01 10.26 -18.40
N ALA B 59 5.88 11.00 -19.09
CA ALA B 59 7.21 11.28 -18.57
C ALA B 59 7.33 12.73 -18.08
N VAL B 60 8.22 12.95 -17.11
CA VAL B 60 8.32 14.21 -16.38
C VAL B 60 9.72 14.39 -15.83
N GLU B 61 10.47 15.39 -16.26
CA GLU B 61 11.82 15.57 -15.73
C GLU B 61 11.82 16.47 -14.52
N LEU B 62 12.71 16.21 -13.57
CA LEU B 62 12.68 16.93 -12.28
C LEU B 62 13.72 18.05 -12.17
N VAL B 63 13.34 19.05 -11.37
CA VAL B 63 14.07 20.31 -11.24
C VAL B 63 13.99 20.95 -9.85
N ASP B 64 15.18 21.30 -9.35
CA ASP B 64 15.48 22.28 -8.30
C ASP B 64 14.45 23.38 -8.13
N GLU B 65 14.41 24.04 -6.98
CA GLU B 65 13.52 25.20 -6.84
C GLU B 65 14.02 26.40 -7.65
N GLN B 66 15.24 26.28 -8.18
CA GLN B 66 15.78 27.32 -9.03
C GLN B 66 15.74 26.91 -10.50
N GLY B 67 15.16 25.76 -10.79
CA GLY B 67 15.04 25.27 -12.17
C GLY B 67 16.23 24.50 -12.73
N VAL B 68 17.26 24.29 -11.91
CA VAL B 68 18.41 23.48 -12.32
C VAL B 68 18.05 21.98 -12.40
N SER B 69 18.63 21.26 -13.36
CA SER B 69 18.40 19.81 -13.53
C SER B 69 18.68 19.03 -12.24
N LEU B 70 17.89 17.98 -12.03
CA LEU B 70 18.22 16.99 -10.98
C LEU B 70 18.65 15.67 -11.60
N GLU B 71 18.72 15.64 -12.92
CA GLU B 71 19.05 14.45 -13.67
C GLU B 71 18.07 13.31 -13.40
N LEU B 72 16.83 13.61 -13.02
CA LEU B 72 15.83 12.54 -12.83
C LEU B 72 14.58 12.66 -13.73
N THR B 73 14.14 11.56 -14.35
CA THR B 73 12.85 11.54 -15.05
C THR B 73 11.84 10.59 -14.38
N LEU B 74 10.58 11.01 -14.28
CA LEU B 74 9.55 10.18 -13.68
C LEU B 74 8.61 9.69 -14.76
N ILE B 75 8.42 8.39 -14.87
CA ILE B 75 7.52 7.87 -15.90
C ILE B 75 6.37 6.99 -15.42
N THR B 76 5.23 7.16 -16.07
CA THR B 76 4.07 6.35 -15.80
C THR B 76 3.90 5.38 -16.93
N LEU B 77 3.97 4.10 -16.60
CA LEU B 77 4.05 3.05 -17.60
C LEU B 77 2.70 2.39 -17.86
N ASP B 78 2.50 1.95 -19.11
CA ASP B 78 1.30 1.21 -19.48
C ASP B 78 1.40 -0.28 -19.17
N THR B 79 1.32 -0.65 -17.90
CA THR B 79 1.40 -2.07 -17.51
C THR B 79 0.20 -2.54 -16.68
N ASN B 80 -0.11 -3.84 -16.80
CA ASN B 80 -1.26 -4.43 -16.11
C ASN B 80 -0.86 -4.86 -14.70
N GLU B 81 0.41 -4.63 -14.35
CA GLU B 81 1.02 -5.10 -13.12
C GLU B 81 1.65 -3.93 -12.33
N LYS B 82 1.56 -3.95 -10.99
CA LYS B 82 2.02 -2.83 -10.18
C LYS B 82 3.37 -3.08 -9.56
N PHE B 83 4.20 -2.05 -9.51
CA PHE B 83 5.45 -2.12 -8.76
C PHE B 83 5.19 -2.19 -7.26
N ARG B 84 6.12 -2.78 -6.52
CA ARG B 84 6.00 -2.82 -5.07
C ARG B 84 6.24 -1.42 -4.54
N ASP B 85 5.32 -0.87 -3.74
CA ASP B 85 5.53 0.44 -3.15
C ASP B 85 6.69 0.35 -2.14
N ILE B 86 7.86 0.85 -2.56
CA ILE B 86 9.06 0.95 -1.70
C ILE B 86 9.38 2.39 -1.22
N THR B 87 8.46 3.34 -1.40
CA THR B 87 8.67 4.76 -1.07
C THR B 87 9.01 4.98 0.41
N LYS B 88 8.53 4.05 1.25
CA LYS B 88 8.80 4.06 2.69
C LYS B 88 10.28 3.86 3.01
N PHE B 89 11.01 3.26 2.07
CA PHE B 89 12.47 3.00 2.12
C PHE B 89 13.34 4.08 1.48
N ILE B 90 12.69 5.04 0.82
CA ILE B 90 13.30 6.28 0.36
C ILE B 90 13.16 7.26 1.52
N PRO B 91 14.22 7.99 1.83
CA PRO B 91 14.13 8.91 2.96
C PRO B 91 13.40 10.23 2.66
N GLU B 92 12.83 10.79 3.71
CA GLU B 92 12.27 12.14 3.70
C GLU B 92 13.21 13.14 3.04
N ASN B 93 14.48 13.07 3.45
CA ASN B 93 15.53 13.93 2.96
C ASN B 93 16.69 13.16 2.37
N ILE B 94 17.31 13.77 1.36
CA ILE B 94 18.48 13.23 0.67
C ILE B 94 19.54 12.87 1.68
N SER B 95 20.12 11.66 1.58
CA SER B 95 20.88 11.14 2.71
C SER B 95 22.11 10.33 2.37
N THR B 96 23.29 10.73 2.86
CA THR B 96 24.49 9.89 2.69
C THR B 96 24.34 8.54 3.35
N ALA B 97 25.37 7.71 3.21
CA ALA B 97 25.35 6.37 3.77
C ALA B 97 26.76 5.81 3.83
N SER B 98 26.93 4.64 4.42
CA SER B 98 28.27 4.09 4.57
C SER B 98 28.56 2.93 3.69
N ASP B 99 27.97 1.79 3.99
CA ASP B 99 28.43 0.54 3.40
C ASP B 99 27.62 0.11 2.16
N ALA B 100 27.36 1.12 1.33
CA ALA B 100 26.44 1.07 0.20
C ALA B 100 26.76 0.05 -0.93
N THR B 101 25.72 -0.40 -1.62
CA THR B 101 25.94 -1.11 -2.86
C THR B 101 25.07 -0.51 -3.96
N LEU B 102 25.64 -0.45 -5.15
CA LEU B 102 24.98 -0.02 -6.36
C LEU B 102 24.31 -1.22 -6.93
N VAL B 103 23.00 -1.16 -7.10
CA VAL B 103 22.31 -2.21 -7.80
C VAL B 103 22.30 -1.83 -9.27
N ILE B 104 22.79 -2.71 -10.13
CA ILE B 104 22.66 -2.50 -11.56
C ILE B 104 21.94 -3.69 -12.14
N ASN B 105 21.13 -3.42 -13.15
CA ASN B 105 20.37 -4.47 -13.78
C ASN B 105 19.91 -4.10 -15.20
N THR B 106 20.87 -4.15 -16.13
CA THR B 106 20.64 -3.99 -17.56
C THR B 106 20.82 -5.31 -18.32
N GLU B 107 20.59 -5.28 -19.63
CA GLU B 107 20.66 -6.51 -20.42
C GLU B 107 22.10 -6.96 -20.51
N HIS B 108 23.03 -6.02 -20.31
CA HIS B 108 24.44 -6.35 -20.36
C HIS B 108 25.02 -6.58 -18.98
N MET B 109 24.35 -6.09 -17.95
CA MET B 109 24.79 -6.41 -16.59
C MET B 109 23.61 -6.79 -15.74
N PRO B 110 23.01 -7.97 -16.04
CA PRO B 110 21.82 -8.49 -15.35
C PRO B 110 22.16 -8.80 -13.89
N SER B 111 21.33 -8.34 -12.95
CA SER B 111 21.57 -8.58 -11.52
C SER B 111 23.00 -8.29 -11.11
N MET B 112 23.38 -7.03 -11.07
CA MET B 112 24.71 -6.72 -10.60
C MET B 112 24.71 -5.96 -9.29
N PHE B 113 25.67 -6.31 -8.46
CA PHE B 113 25.83 -5.64 -7.21
C PHE B 113 27.25 -5.13 -7.17
N VAL B 114 27.38 -3.89 -7.58
CA VAL B 114 28.62 -3.18 -7.43
C VAL B 114 28.62 -2.60 -6.02
N PRO B 115 29.73 -2.72 -5.30
CA PRO B 115 29.86 -2.17 -3.96
C PRO B 115 30.66 -0.88 -3.97
N VAL B 116 30.01 0.26 -3.75
CA VAL B 116 30.63 1.57 -4.03
C VAL B 116 31.18 2.31 -2.80
N GLY B 117 31.11 1.70 -1.63
CA GLY B 117 31.69 2.29 -0.44
C GLY B 117 30.84 3.38 0.17
N ASP B 118 31.50 4.41 0.69
CA ASP B 118 30.76 5.53 1.27
C ASP B 118 30.19 6.42 0.19
N VAL B 119 29.05 7.00 0.48
CA VAL B 119 28.47 7.97 -0.43
C VAL B 119 28.48 9.28 0.35
N VAL B 120 29.01 10.35 -0.24
CA VAL B 120 29.13 11.63 0.45
C VAL B 120 28.38 12.76 -0.23
N GLN B 121 28.04 13.77 0.56
CA GLN B 121 27.37 14.98 0.08
C GLN B 121 28.16 15.68 -1.02
N TYR B 122 27.50 16.06 -2.12
CA TYR B 122 28.17 16.78 -3.21
C TYR B 122 27.40 17.99 -3.77
N GLY B 123 26.08 17.88 -3.93
CA GLY B 123 25.30 18.99 -4.43
C GLY B 123 25.59 19.32 -5.89
N PHE B 124 26.17 20.49 -6.13
CA PHE B 124 26.42 20.93 -7.51
C PHE B 124 27.48 20.05 -8.21
N LEU B 125 27.25 19.78 -9.48
CA LEU B 125 28.07 18.85 -10.27
C LEU B 125 28.02 19.09 -11.79
N ASN B 126 29.20 19.17 -12.42
CA ASN B 126 29.28 19.28 -13.87
C ASN B 126 30.47 18.55 -14.48
N LEU B 127 30.22 17.83 -15.58
CA LEU B 127 31.25 17.04 -16.27
C LEU B 127 31.32 17.41 -17.77
N SER B 128 30.20 17.88 -18.32
CA SER B 128 30.13 18.37 -19.70
C SER B 128 29.10 19.48 -19.85
N GLY B 129 29.20 20.51 -19.03
CA GLY B 129 28.49 21.77 -19.24
C GLY B 129 27.06 21.83 -18.78
N LYS B 130 26.55 20.67 -18.39
CA LYS B 130 25.14 20.46 -18.09
C LYS B 130 24.90 20.36 -16.60
N PRO B 131 24.80 21.51 -15.91
CA PRO B 131 24.78 21.48 -14.44
C PRO B 131 23.70 20.56 -13.85
N THR B 132 23.98 19.95 -12.72
CA THR B 132 22.92 19.24 -12.04
C THR B 132 23.13 19.27 -10.53
N HIS B 133 22.02 19.45 -9.81
CA HIS B 133 22.05 19.66 -8.36
C HIS B 133 21.66 18.41 -7.57
N ARG B 134 21.90 18.47 -6.26
CA ARG B 134 21.50 17.42 -5.34
C ARG B 134 22.10 16.09 -5.74
N THR B 135 23.39 16.10 -6.07
CA THR B 135 24.12 14.87 -6.36
C THR B 135 25.03 14.44 -5.19
N MET B 136 25.29 13.14 -5.07
CA MET B 136 26.27 12.63 -4.14
C MET B 136 27.39 11.91 -4.87
N MET B 137 28.58 11.91 -4.28
CA MET B 137 29.71 11.23 -4.89
C MET B 137 30.01 9.90 -4.17
N TYR B 138 30.63 8.95 -4.89
CA TYR B 138 31.26 7.77 -4.25
C TYR B 138 32.54 7.39 -5.02
N ASN B 139 33.39 6.55 -4.41
CA ASN B 139 34.73 6.31 -4.98
C ASN B 139 34.90 4.96 -5.64
N PHE B 140 34.14 4.79 -6.72
CA PHE B 140 34.23 3.59 -7.51
C PHE B 140 34.28 3.87 -9.00
N PRO B 141 35.22 3.21 -9.68
CA PRO B 141 35.44 3.40 -11.12
C PRO B 141 34.23 2.92 -11.89
N THR B 142 33.13 3.63 -11.67
CA THR B 142 31.85 3.25 -12.19
C THR B 142 31.80 3.51 -13.69
N LYS B 143 31.44 2.49 -14.47
CA LYS B 143 31.58 2.59 -15.93
C LYS B 143 30.25 2.86 -16.61
N ALA B 144 30.28 3.03 -17.93
CA ALA B 144 29.09 3.37 -18.74
C ALA B 144 28.10 2.24 -18.86
N GLY B 145 26.82 2.57 -19.02
CA GLY B 145 25.76 1.60 -19.00
C GLY B 145 25.37 1.19 -17.59
N GLN B 146 25.92 1.89 -16.60
CA GLN B 146 25.62 1.58 -15.19
C GLN B 146 24.68 2.60 -14.60
N CYS B 147 24.33 3.59 -15.42
CA CYS B 147 23.32 4.63 -15.14
C CYS B 147 21.96 4.01 -14.96
N GLY B 148 21.10 4.69 -14.19
CA GLY B 148 19.84 4.13 -13.74
C GLY B 148 20.03 3.24 -12.54
N GLY B 149 21.29 2.98 -12.23
CA GLY B 149 21.66 2.06 -11.17
C GLY B 149 21.19 2.53 -9.81
N VAL B 150 20.44 1.69 -9.11
CA VAL B 150 19.90 2.11 -7.84
C VAL B 150 20.97 2.03 -6.76
N VAL B 151 21.25 3.14 -6.08
CA VAL B 151 22.18 3.17 -4.96
C VAL B 151 21.48 2.84 -3.64
N THR B 152 21.88 1.77 -2.93
CA THR B 152 21.21 1.49 -1.66
C THR B 152 22.12 1.21 -0.46
N SER B 153 21.53 1.30 0.72
CA SER B 153 22.20 1.02 1.96
C SER B 153 21.28 0.16 2.84
N VAL B 154 21.63 -0.01 4.12
CA VAL B 154 20.75 -0.75 5.04
C VAL B 154 19.35 -0.19 5.06
N GLY B 155 18.45 -0.87 4.36
CA GLY B 155 17.05 -0.48 4.33
C GLY B 155 16.72 0.92 3.84
N LYS B 156 17.67 1.61 3.21
CA LYS B 156 17.41 2.92 2.58
C LYS B 156 17.75 2.87 1.11
N ILE B 157 16.92 3.46 0.27
CA ILE B 157 17.29 3.71 -1.13
C ILE B 157 17.67 5.18 -1.25
N ILE B 158 18.93 5.48 -1.55
CA ILE B 158 19.32 6.88 -1.46
C ILE B 158 19.58 7.60 -2.78
N GLY B 159 19.91 6.90 -3.87
CA GLY B 159 20.19 7.57 -5.13
C GLY B 159 20.18 6.79 -6.43
N ILE B 160 20.33 7.48 -7.56
CA ILE B 160 20.40 6.81 -8.85
C ILE B 160 21.68 7.14 -9.54
N HIS B 161 22.43 6.14 -10.00
CA HIS B 161 23.71 6.46 -10.63
C HIS B 161 23.45 7.24 -11.89
N ILE B 162 24.19 8.33 -12.10
CA ILE B 162 23.91 9.14 -13.26
C ILE B 162 25.15 9.43 -14.09
N GLY B 163 26.32 9.41 -13.46
CA GLY B 163 27.53 9.70 -14.20
C GLY B 163 28.78 9.41 -13.42
N GLY B 164 29.92 9.28 -14.11
CA GLY B 164 31.20 9.06 -13.46
C GLY B 164 32.31 9.91 -14.06
N ASN B 165 33.55 9.69 -13.62
CA ASN B 165 34.74 10.27 -14.28
C ASN B 165 35.90 9.25 -14.44
N GLY B 166 35.73 8.07 -13.87
CA GLY B 166 36.73 7.04 -13.98
C GLY B 166 37.25 6.75 -12.60
N ARG B 167 36.93 7.61 -11.65
CA ARG B 167 37.28 7.36 -10.25
C ARG B 167 36.08 7.49 -9.34
N GLN B 168 35.49 8.68 -9.34
CA GLN B 168 34.29 8.85 -8.57
C GLN B 168 33.08 8.38 -9.37
N GLY B 169 32.00 8.07 -8.64
CA GLY B 169 30.70 7.94 -9.24
C GLY B 169 29.77 8.98 -8.65
N PHE B 170 28.81 9.47 -9.45
CA PHE B 170 27.83 10.45 -8.96
C PHE B 170 26.41 9.92 -9.14
N CYS B 171 25.59 10.09 -8.12
CA CYS B 171 24.20 9.69 -8.24
C CYS B 171 23.29 10.84 -7.93
N ALA B 172 22.11 10.84 -8.54
CA ALA B 172 21.10 11.80 -8.18
C ALA B 172 20.49 11.38 -6.85
N GLY B 173 20.68 12.18 -5.81
CA GLY B 173 20.00 11.95 -4.54
C GLY B 173 18.50 11.75 -4.70
N LEU B 174 17.96 10.83 -3.92
CA LEU B 174 16.54 10.51 -3.98
C LEU B 174 15.87 10.94 -2.70
N LYS B 175 14.73 11.60 -2.83
CA LYS B 175 13.96 11.91 -1.63
C LYS B 175 12.48 11.65 -1.86
N ARG B 176 11.91 10.91 -0.92
CA ARG B 176 10.55 10.44 -0.94
C ARG B 176 9.62 11.32 -1.75
N SER B 177 9.58 12.60 -1.41
CA SER B 177 8.57 13.51 -1.94
C SER B 177 8.63 13.72 -3.45
N TYR B 178 9.69 13.24 -4.09
CA TYR B 178 9.72 13.23 -5.55
C TYR B 178 8.53 12.47 -6.12
N PHE B 179 8.02 11.51 -5.36
CA PHE B 179 6.97 10.61 -5.83
C PHE B 179 5.75 10.70 -4.95
N ALA B 180 5.30 11.91 -4.62
CA ALA B 180 4.12 12.02 -3.79
C ALA B 180 2.83 11.99 -4.66
N SER B 181 2.83 12.77 -5.74
CA SER B 181 1.60 13.05 -6.52
C SER B 181 0.40 13.32 -5.59
N GLY C 1 -17.78 19.76 -0.66
CA GLY C 1 -16.95 18.61 -0.33
C GLY C 1 -17.39 17.32 -1.01
N PRO C 2 -17.55 16.25 -0.21
CA PRO C 2 -17.80 14.83 -0.54
C PRO C 2 -18.55 14.55 -1.85
N SER C 3 -19.84 14.90 -1.85
CA SER C 3 -20.81 14.53 -2.90
C SER C 3 -20.40 14.83 -4.35
N LEU C 4 -19.99 16.06 -4.62
CA LEU C 4 -19.60 16.40 -5.97
C LEU C 4 -18.17 15.96 -6.21
N ASP C 5 -17.41 15.85 -5.12
CA ASP C 5 -16.05 15.36 -5.27
C ASP C 5 -16.10 13.87 -5.52
N PHE C 6 -17.29 13.27 -5.46
CA PHE C 6 -17.49 11.93 -6.01
C PHE C 6 -17.84 12.09 -7.47
N ALA C 7 -18.59 13.15 -7.75
CA ALA C 7 -19.04 13.41 -9.11
C ALA C 7 -17.87 13.71 -10.01
N LEU C 8 -16.93 14.53 -9.52
CA LEU C 8 -15.78 14.99 -10.33
C LEU C 8 -14.88 13.84 -10.70
N SER C 9 -14.64 13.00 -9.70
CA SER C 9 -13.92 11.76 -9.87
C SER C 9 -14.45 11.00 -11.11
N LEU C 10 -15.65 10.45 -10.93
CA LEU C 10 -16.46 9.83 -11.95
C LEU C 10 -16.61 10.58 -13.27
N LEU C 11 -16.62 11.92 -13.24
CA LEU C 11 -16.77 12.67 -14.48
C LEU C 11 -15.51 12.48 -15.26
N ARG C 12 -14.41 13.04 -14.76
CA ARG C 12 -13.12 12.89 -15.41
C ARG C 12 -12.73 11.42 -15.71
N ARG C 13 -12.90 10.54 -14.74
CA ARG C 13 -12.26 9.23 -14.80
C ARG C 13 -12.97 8.17 -15.65
N ASN C 14 -14.28 8.27 -15.81
CA ASN C 14 -15.08 7.16 -16.34
C ASN C 14 -16.15 7.53 -17.38
N VAL C 15 -16.67 8.76 -17.27
CA VAL C 15 -17.82 9.24 -18.04
C VAL C 15 -17.37 10.03 -19.25
N ARG C 16 -17.82 9.61 -20.44
CA ARG C 16 -17.19 10.01 -21.71
C ARG C 16 -18.15 10.42 -22.86
N GLN C 17 -17.69 11.38 -23.68
CA GLN C 17 -18.45 11.87 -24.84
C GLN C 17 -18.42 10.92 -26.02
N VAL C 18 -19.59 10.66 -26.59
CA VAL C 18 -19.77 9.62 -27.60
C VAL C 18 -20.78 10.00 -28.69
N GLN C 19 -20.39 9.94 -29.97
CA GLN C 19 -21.33 10.06 -31.09
C GLN C 19 -21.47 8.71 -31.77
N THR C 20 -22.69 8.22 -31.94
CA THR C 20 -22.90 7.07 -32.81
C THR C 20 -23.67 7.60 -33.97
N ASP C 21 -24.02 6.76 -34.93
CA ASP C 21 -24.84 7.23 -36.04
C ASP C 21 -26.14 7.83 -35.52
N GLN C 22 -26.50 7.44 -34.31
CA GLN C 22 -27.77 7.83 -33.72
C GLN C 22 -27.81 9.20 -33.04
N GLY C 23 -26.64 9.83 -32.85
CA GLY C 23 -26.56 11.16 -32.25
C GLY C 23 -25.42 11.34 -31.25
N HIS C 24 -25.65 12.24 -30.28
CA HIS C 24 -24.69 12.46 -29.20
C HIS C 24 -25.14 11.76 -27.94
N PHE C 25 -24.21 11.13 -27.24
CA PHE C 25 -24.56 10.28 -26.12
C PHE C 25 -23.50 10.25 -25.05
N THR C 26 -23.92 10.24 -23.79
CA THR C 26 -23.01 10.06 -22.68
C THR C 26 -22.73 8.58 -22.53
N MET C 27 -21.47 8.21 -22.39
CA MET C 27 -21.07 6.82 -22.18
C MET C 27 -20.33 6.66 -20.87
N LEU C 28 -20.80 5.78 -20.01
CA LEU C 28 -20.03 5.40 -18.85
C LEU C 28 -19.20 4.15 -19.10
N GLY C 29 -17.90 4.24 -18.75
CA GLY C 29 -16.97 3.12 -18.76
C GLY C 29 -16.68 2.51 -17.38
N VAL C 30 -17.05 1.24 -17.22
CA VAL C 30 -17.15 0.56 -15.93
C VAL C 30 -15.82 0.03 -15.39
N ARG C 31 -15.01 -0.53 -16.29
CA ARG C 31 -13.67 -1.04 -15.96
C ARG C 31 -13.10 -1.75 -17.16
N ASP C 32 -11.78 -1.89 -17.17
CA ASP C 32 -11.04 -2.56 -18.23
C ASP C 32 -11.33 -1.91 -19.56
N ARG C 33 -11.96 -2.64 -20.47
CA ARG C 33 -12.28 -2.03 -21.74
C ARG C 33 -13.79 -2.13 -21.99
N LEU C 34 -14.53 -2.01 -20.88
CA LEU C 34 -15.96 -2.25 -20.83
C LEU C 34 -16.74 -0.99 -20.45
N ALA C 35 -17.76 -0.65 -21.22
CA ALA C 35 -18.61 0.49 -20.92
C ALA C 35 -20.06 0.16 -21.23
N VAL C 36 -21.00 1.02 -20.81
CA VAL C 36 -22.40 0.83 -21.15
C VAL C 36 -22.87 1.90 -22.08
N LEU C 37 -23.84 1.60 -22.91
CA LEU C 37 -24.52 2.66 -23.64
C LEU C 37 -26.00 2.40 -23.45
N PRO C 38 -26.84 3.44 -23.59
CA PRO C 38 -28.25 3.10 -23.67
C PRO C 38 -28.45 2.26 -24.92
N ARG C 39 -29.13 1.10 -24.85
CA ARG C 39 -29.22 0.22 -26.01
C ARG C 39 -29.43 1.02 -27.29
N HIS C 40 -30.41 1.92 -27.27
CA HIS C 40 -30.86 2.60 -28.46
C HIS C 40 -29.86 3.60 -29.06
N SER C 41 -28.77 3.86 -28.37
CA SER C 41 -27.69 4.62 -28.99
C SER C 41 -27.16 3.83 -30.19
N GLN C 42 -27.27 2.51 -30.08
CA GLN C 42 -27.09 1.56 -31.19
C GLN C 42 -25.73 1.57 -31.82
N PRO C 43 -24.67 1.30 -31.02
CA PRO C 43 -23.30 1.44 -31.48
C PRO C 43 -23.03 0.52 -32.65
N GLY C 44 -22.19 0.97 -33.58
CA GLY C 44 -21.88 0.19 -34.77
C GLY C 44 -20.60 -0.60 -34.55
N LYS C 45 -19.90 -0.88 -35.65
CA LYS C 45 -18.59 -1.54 -35.65
C LYS C 45 -17.52 -0.61 -35.07
N THR C 46 -17.75 0.68 -35.20
CA THR C 46 -16.95 1.67 -34.50
C THR C 46 -17.86 2.62 -33.73
N ILE C 47 -17.21 3.48 -32.96
CA ILE C 47 -17.91 4.48 -32.18
C ILE C 47 -16.96 5.67 -31.97
N TRP C 48 -17.48 6.88 -32.06
CA TRP C 48 -16.63 8.05 -31.87
C TRP C 48 -16.50 8.42 -30.40
N ILE C 49 -15.29 8.36 -29.84
CA ILE C 49 -15.10 8.75 -28.46
C ILE C 49 -14.25 9.98 -28.38
N GLU C 50 -14.83 11.11 -27.97
CA GLU C 50 -14.21 12.42 -28.11
C GLU C 50 -13.75 12.59 -29.55
N HIS C 51 -14.71 12.55 -30.47
CA HIS C 51 -14.50 12.71 -31.93
C HIS C 51 -13.38 11.82 -32.52
N LYS C 52 -12.75 11.00 -31.69
CA LYS C 52 -11.76 10.03 -32.16
C LYS C 52 -12.37 8.61 -32.23
N LEU C 53 -12.15 7.96 -33.37
CA LEU C 53 -12.78 6.68 -33.67
C LEU C 53 -12.14 5.53 -32.91
N VAL C 54 -12.97 4.61 -32.42
CA VAL C 54 -12.47 3.39 -31.78
C VAL C 54 -13.32 2.16 -32.17
N ASN C 55 -12.65 1.01 -32.28
CA ASN C 55 -13.27 -0.21 -32.78
C ASN C 55 -14.00 -0.96 -31.70
N VAL C 56 -15.27 -1.21 -31.97
CA VAL C 56 -16.05 -1.99 -31.05
C VAL C 56 -15.84 -3.45 -31.44
N LEU C 57 -15.13 -4.17 -30.59
CA LEU C 57 -14.88 -5.57 -30.80
C LEU C 57 -16.19 -6.34 -30.55
N ASP C 58 -16.62 -6.42 -29.29
CA ASP C 58 -17.92 -7.05 -28.93
C ASP C 58 -18.89 -6.02 -28.33
N ALA C 59 -20.19 -6.28 -28.45
CA ALA C 59 -21.24 -5.41 -27.93
C ALA C 59 -22.47 -6.20 -27.51
N VAL C 60 -22.87 -6.10 -26.25
CA VAL C 60 -24.05 -6.83 -25.74
C VAL C 60 -25.24 -6.00 -25.19
N GLU C 61 -26.41 -6.23 -25.77
CA GLU C 61 -27.67 -5.63 -25.34
C GLU C 61 -28.35 -6.47 -24.28
N LEU C 62 -28.35 -5.94 -23.07
CA LEU C 62 -28.89 -6.65 -21.92
C LEU C 62 -30.38 -6.79 -22.07
N VAL C 63 -30.87 -7.96 -21.66
CA VAL C 63 -32.29 -8.18 -21.54
C VAL C 63 -32.58 -8.81 -20.19
N ASP C 64 -33.87 -8.89 -19.90
CA ASP C 64 -34.38 -9.49 -18.69
C ASP C 64 -34.07 -10.97 -18.58
N GLU C 65 -34.63 -11.61 -17.56
CA GLU C 65 -34.74 -13.06 -17.60
C GLU C 65 -35.73 -13.49 -18.68
N GLN C 66 -36.57 -12.56 -19.15
CA GLN C 66 -37.60 -12.87 -20.11
C GLN C 66 -37.31 -12.31 -21.47
N GLY C 67 -36.18 -11.62 -21.58
CA GLY C 67 -35.71 -11.21 -22.90
C GLY C 67 -36.12 -9.78 -23.14
N VAL C 68 -36.66 -9.20 -22.07
CA VAL C 68 -37.14 -7.84 -22.12
C VAL C 68 -36.01 -6.81 -22.17
N SER C 69 -36.13 -5.85 -23.09
CA SER C 69 -35.13 -4.76 -23.25
C SER C 69 -34.80 -4.13 -21.90
N LEU C 70 -33.55 -4.19 -21.46
CA LEU C 70 -33.19 -3.47 -20.26
C LEU C 70 -32.72 -2.11 -20.69
N GLU C 71 -32.54 -1.98 -22.01
CA GLU C 71 -32.20 -0.75 -22.69
C GLU C 71 -30.73 -0.44 -22.49
N LEU C 72 -29.93 -1.47 -22.23
CA LEU C 72 -28.49 -1.28 -21.98
C LEU C 72 -27.65 -2.11 -22.92
N THR C 73 -26.70 -1.48 -23.58
CA THR C 73 -25.75 -2.17 -24.41
C THR C 73 -24.38 -2.16 -23.78
N LEU C 74 -23.83 -3.34 -23.54
CA LEU C 74 -22.47 -3.43 -23.02
C LEU C 74 -21.53 -3.52 -24.19
N ILE C 75 -20.57 -2.61 -24.25
CA ILE C 75 -19.61 -2.71 -25.31
C ILE C 75 -18.21 -2.93 -24.76
N THR C 76 -17.36 -3.54 -25.58
CA THR C 76 -15.96 -3.76 -25.24
C THR C 76 -15.07 -3.00 -26.22
N LEU C 77 -14.17 -2.18 -25.67
CA LEU C 77 -13.41 -1.21 -26.45
C LEU C 77 -12.04 -1.67 -26.91
N ASP C 78 -11.78 -1.59 -28.22
CA ASP C 78 -10.41 -1.77 -28.72
C ASP C 78 -9.50 -0.56 -28.47
N THR C 79 -8.79 -0.55 -27.32
CA THR C 79 -7.89 0.55 -26.96
C THR C 79 -6.91 0.19 -25.83
N ASN C 80 -5.88 1.03 -25.65
CA ASN C 80 -4.85 0.84 -24.60
C ASN C 80 -5.39 1.10 -23.21
N GLU C 81 -5.83 2.35 -23.01
CA GLU C 81 -6.29 2.83 -21.72
C GLU C 81 -7.42 1.96 -21.12
N LYS C 82 -7.23 1.58 -19.86
CA LYS C 82 -8.23 0.80 -19.13
C LYS C 82 -8.97 1.67 -18.11
N PHE C 83 -10.30 1.71 -18.20
CA PHE C 83 -11.16 2.44 -17.25
C PHE C 83 -10.90 2.02 -15.80
N ARG C 84 -11.14 2.92 -14.84
CA ARG C 84 -11.04 2.56 -13.41
C ARG C 84 -12.23 1.67 -13.04
N ASP C 85 -12.07 0.76 -12.09
CA ASP C 85 -13.15 -0.17 -11.78
C ASP C 85 -14.09 0.46 -10.78
N ILE C 86 -15.29 0.79 -11.24
CA ILE C 86 -16.27 1.46 -10.38
C ILE C 86 -17.46 0.57 -10.09
N THR C 87 -17.35 -0.72 -10.41
CA THR C 87 -18.43 -1.68 -10.10
C THR C 87 -18.62 -1.73 -8.61
N LYS C 88 -17.56 -1.41 -7.87
CA LYS C 88 -17.63 -1.48 -6.42
C LYS C 88 -18.63 -0.46 -5.87
N PHE C 89 -18.97 0.54 -6.70
CA PHE C 89 -19.85 1.63 -6.30
C PHE C 89 -21.26 1.43 -6.83
N ILE C 90 -21.44 0.34 -7.58
CA ILE C 90 -22.74 -0.07 -8.10
C ILE C 90 -23.46 -0.94 -7.11
N PRO C 91 -24.74 -0.64 -6.81
CA PRO C 91 -25.38 -1.55 -5.85
C PRO C 91 -25.60 -2.93 -6.42
N GLU C 92 -25.46 -3.89 -5.51
CA GLU C 92 -25.91 -5.25 -5.74
C GLU C 92 -27.27 -5.25 -6.38
N ASN C 93 -28.17 -4.47 -5.79
CA ASN C 93 -29.52 -4.41 -6.29
C ASN C 93 -29.97 -2.99 -6.61
N ILE C 94 -30.61 -2.87 -7.77
CA ILE C 94 -31.12 -1.60 -8.29
C ILE C 94 -31.69 -0.76 -7.14
N SER C 95 -31.19 0.46 -6.97
CA SER C 95 -31.53 1.24 -5.77
C SER C 95 -32.27 2.57 -6.02
N THR C 96 -33.29 2.85 -5.20
CA THR C 96 -33.96 4.16 -5.22
C THR C 96 -33.11 5.23 -4.53
N ALA C 97 -33.14 6.43 -5.06
CA ALA C 97 -32.28 7.47 -4.55
C ALA C 97 -33.12 8.61 -4.07
N SER C 98 -32.49 9.63 -3.50
CA SER C 98 -33.21 10.76 -2.97
C SER C 98 -32.70 12.06 -3.56
N ASP C 99 -31.48 12.46 -3.26
CA ASP C 99 -31.09 13.72 -3.83
C ASP C 99 -30.16 13.54 -5.01
N ALA C 100 -30.34 12.42 -5.70
CA ALA C 100 -29.53 12.08 -6.87
C ALA C 100 -29.38 13.24 -7.84
N THR C 101 -28.22 13.27 -8.48
CA THR C 101 -27.99 14.12 -9.63
C THR C 101 -27.61 13.21 -10.77
N LEU C 102 -27.53 13.77 -11.96
CA LEU C 102 -27.33 12.94 -13.11
C LEU C 102 -26.15 13.45 -13.91
N VAL C 103 -25.11 12.64 -14.09
CA VAL C 103 -23.93 13.12 -14.80
C VAL C 103 -24.06 12.94 -16.31
N ILE C 104 -23.93 14.04 -17.06
CA ILE C 104 -24.06 14.04 -18.51
C ILE C 104 -22.80 14.56 -19.13
N ASN C 105 -22.32 13.89 -20.18
CA ASN C 105 -21.11 14.38 -20.83
C ASN C 105 -21.01 14.15 -22.33
N THR C 106 -21.78 14.87 -23.14
CA THR C 106 -21.61 14.81 -24.60
C THR C 106 -20.74 15.97 -25.08
N GLU C 107 -20.50 15.99 -26.39
CA GLU C 107 -19.77 17.09 -27.04
C GLU C 107 -20.53 18.37 -26.78
N HIS C 108 -21.85 18.27 -26.77
CA HIS C 108 -22.76 19.40 -26.60
C HIS C 108 -23.24 19.67 -25.15
N MET C 109 -23.02 18.76 -24.22
CA MET C 109 -23.36 19.04 -22.82
C MET C 109 -22.24 18.54 -21.91
N PRO C 110 -21.11 19.25 -21.93
CA PRO C 110 -19.86 18.85 -21.26
C PRO C 110 -19.94 18.94 -19.75
N SER C 111 -19.26 18.04 -19.04
CA SER C 111 -19.02 18.12 -17.59
C SER C 111 -20.22 18.71 -16.85
N MET C 112 -21.41 18.14 -17.13
CA MET C 112 -22.68 18.70 -16.69
C MET C 112 -23.36 17.87 -15.62
N PHE C 113 -23.86 18.52 -14.57
CA PHE C 113 -24.64 17.78 -13.60
C PHE C 113 -26.07 18.27 -13.72
N VAL C 114 -27.03 17.50 -13.20
CA VAL C 114 -28.46 17.89 -13.23
C VAL C 114 -29.26 17.46 -11.99
N PRO C 115 -29.68 18.41 -11.13
CA PRO C 115 -30.34 17.98 -9.88
C PRO C 115 -31.77 17.49 -10.11
N VAL C 116 -31.87 16.19 -10.31
CA VAL C 116 -33.12 15.58 -10.73
C VAL C 116 -33.84 14.99 -9.51
N GLY C 117 -33.26 15.26 -8.34
CA GLY C 117 -33.82 14.84 -7.08
C GLY C 117 -34.29 13.40 -7.06
N ASP C 118 -35.42 13.17 -6.41
CA ASP C 118 -35.82 11.84 -6.00
C ASP C 118 -35.90 10.85 -7.15
N VAL C 119 -35.35 9.66 -6.92
CA VAL C 119 -35.48 8.54 -7.85
C VAL C 119 -36.29 7.39 -7.25
N VAL C 120 -37.51 7.25 -7.76
CA VAL C 120 -38.45 6.20 -7.35
C VAL C 120 -38.32 5.01 -8.29
N GLN C 121 -38.58 3.80 -7.83
CA GLN C 121 -38.49 2.72 -8.79
C GLN C 121 -39.77 2.74 -9.58
N TYR C 122 -39.63 2.54 -10.89
CA TYR C 122 -40.77 2.54 -11.80
C TYR C 122 -41.07 1.13 -12.19
N GLY C 123 -40.24 0.56 -13.05
CA GLY C 123 -40.48 -0.79 -13.47
C GLY C 123 -40.72 -0.86 -14.94
N PHE C 124 -41.89 -1.33 -15.34
CA PHE C 124 -42.14 -1.53 -16.77
C PHE C 124 -42.45 -0.23 -17.52
N LEU C 125 -41.70 0.04 -18.58
CA LEU C 125 -41.88 1.27 -19.33
C LEU C 125 -41.99 1.00 -20.82
N ASN C 126 -43.19 1.19 -21.36
CA ASN C 126 -43.38 1.13 -22.81
C ASN C 126 -43.41 2.54 -23.39
N LEU C 127 -42.25 3.02 -23.82
CA LEU C 127 -42.12 4.35 -24.39
C LEU C 127 -42.56 4.42 -25.87
N SER C 128 -41.64 4.21 -26.81
CA SER C 128 -41.91 4.55 -28.20
C SER C 128 -42.73 3.50 -28.95
N GLY C 129 -43.21 2.50 -28.20
CA GLY C 129 -43.90 1.34 -28.74
C GLY C 129 -43.23 0.05 -28.29
N LYS C 130 -41.95 0.17 -27.94
CA LYS C 130 -41.13 -0.96 -27.46
C LYS C 130 -40.90 -0.87 -25.94
N PRO C 131 -41.10 -1.99 -25.24
CA PRO C 131 -40.98 -2.09 -23.79
C PRO C 131 -39.53 -2.08 -23.33
N THR C 132 -39.37 -1.76 -22.04
CA THR C 132 -38.09 -1.70 -21.34
C THR C 132 -38.41 -1.90 -19.84
N HIS C 133 -37.86 -2.95 -19.23
CA HIS C 133 -38.11 -3.26 -17.84
C HIS C 133 -37.05 -2.69 -16.92
N ARG C 134 -37.37 -2.68 -15.62
CA ARG C 134 -36.45 -2.25 -14.58
C ARG C 134 -36.10 -0.75 -14.53
N THR C 135 -36.86 0.12 -15.18
CA THR C 135 -36.53 1.57 -15.13
C THR C 135 -36.85 2.23 -13.78
N MET C 136 -36.24 3.38 -13.51
CA MET C 136 -36.55 4.21 -12.34
C MET C 136 -36.98 5.60 -12.78
N MET C 137 -37.89 6.22 -12.04
CA MET C 137 -38.41 7.53 -12.46
C MET C 137 -38.10 8.69 -11.53
N TYR C 138 -37.43 9.69 -12.10
CA TYR C 138 -37.18 10.93 -11.39
C TYR C 138 -38.07 12.02 -11.93
N ASN C 139 -38.23 13.09 -11.15
CA ASN C 139 -39.17 14.15 -11.51
C ASN C 139 -38.44 15.37 -12.08
N PHE C 140 -37.99 15.24 -13.33
CA PHE C 140 -37.26 16.32 -14.01
C PHE C 140 -37.49 16.36 -15.53
N PRO C 141 -37.72 17.57 -16.07
CA PRO C 141 -38.00 17.90 -17.48
C PRO C 141 -36.80 17.64 -18.37
N THR C 142 -36.52 16.36 -18.59
CA THR C 142 -35.30 15.90 -19.20
C THR C 142 -35.45 15.96 -20.74
N LYS C 143 -34.35 16.12 -21.47
CA LYS C 143 -34.46 16.33 -22.91
C LYS C 143 -33.50 15.43 -23.72
N ALA C 144 -33.48 15.61 -25.04
CA ALA C 144 -32.57 14.83 -25.89
C ALA C 144 -31.12 15.05 -25.54
N GLY C 145 -30.24 14.29 -26.17
CA GLY C 145 -28.81 14.48 -25.96
C GLY C 145 -28.33 14.20 -24.56
N GLN C 146 -29.26 13.80 -23.70
CA GLN C 146 -28.95 13.46 -22.31
C GLN C 146 -28.87 11.95 -22.05
N CYS C 147 -29.38 11.17 -23.01
CA CYS C 147 -29.45 9.72 -22.90
C CYS C 147 -28.08 9.18 -22.64
N GLY C 148 -27.95 8.18 -21.76
CA GLY C 148 -26.64 7.66 -21.42
C GLY C 148 -25.89 8.32 -20.26
N GLY C 149 -26.36 9.51 -19.87
CA GLY C 149 -25.88 10.21 -18.69
C GLY C 149 -25.97 9.30 -17.48
N VAL C 150 -25.13 9.51 -16.48
CA VAL C 150 -25.11 8.58 -15.33
C VAL C 150 -25.87 9.12 -14.12
N VAL C 151 -26.86 8.36 -13.63
CA VAL C 151 -27.58 8.73 -12.40
C VAL C 151 -26.83 8.25 -11.20
N THR C 152 -26.41 9.18 -10.34
CA THR C 152 -25.56 8.89 -9.20
C THR C 152 -26.14 9.47 -7.94
N SER C 153 -25.84 8.85 -6.80
CA SER C 153 -26.35 9.33 -5.50
C SER C 153 -25.48 8.89 -4.32
N VAL C 154 -24.94 9.88 -3.61
CA VAL C 154 -24.10 9.67 -2.43
C VAL C 154 -23.14 8.48 -2.57
N GLY C 155 -22.22 8.59 -3.53
CA GLY C 155 -21.18 7.59 -3.74
C GLY C 155 -21.61 6.29 -4.41
N LYS C 156 -22.84 6.26 -4.92
CA LYS C 156 -23.35 5.10 -5.64
C LYS C 156 -23.78 5.46 -7.07
N ILE C 157 -23.34 4.64 -8.01
CA ILE C 157 -23.85 4.61 -9.39
C ILE C 157 -25.14 3.81 -9.48
N ILE C 158 -26.29 4.41 -9.80
CA ILE C 158 -27.53 3.67 -9.68
C ILE C 158 -28.41 3.62 -10.94
N GLY C 159 -28.11 4.47 -11.92
CA GLY C 159 -28.88 4.41 -13.16
C GLY C 159 -28.23 4.99 -14.39
N ILE C 160 -28.84 4.73 -15.54
CA ILE C 160 -28.48 5.35 -16.80
C ILE C 160 -29.68 6.02 -17.46
N HIS C 161 -29.61 7.32 -17.74
CA HIS C 161 -30.73 8.00 -18.38
C HIS C 161 -31.03 7.48 -19.78
N ILE C 162 -32.31 7.14 -20.00
CA ILE C 162 -32.71 6.54 -21.26
C ILE C 162 -33.96 7.15 -21.89
N GLY C 163 -34.52 8.21 -21.29
CA GLY C 163 -35.65 8.90 -21.89
C GLY C 163 -36.49 9.76 -20.98
N GLY C 164 -37.41 10.51 -21.57
CA GLY C 164 -38.31 11.34 -20.79
C GLY C 164 -39.68 11.58 -21.37
N ASN C 165 -40.44 12.50 -20.79
CA ASN C 165 -41.73 12.83 -21.35
C ASN C 165 -42.01 14.33 -21.31
N GLY C 166 -41.01 15.11 -20.91
CA GLY C 166 -41.14 16.56 -20.84
C GLY C 166 -41.43 17.01 -19.42
N ARG C 167 -41.61 16.03 -18.55
CA ARG C 167 -41.79 16.29 -17.13
C ARG C 167 -40.95 15.33 -16.32
N GLN C 168 -41.17 14.06 -16.58
CA GLN C 168 -40.41 13.00 -15.94
C GLN C 168 -39.21 12.61 -16.81
N GLY C 169 -38.13 12.16 -16.19
CA GLY C 169 -37.07 11.52 -16.93
C GLY C 169 -37.11 10.08 -16.47
N PHE C 170 -36.62 9.13 -17.26
CA PHE C 170 -36.55 7.74 -16.78
C PHE C 170 -35.17 7.17 -16.99
N CYS C 171 -34.74 6.30 -16.10
CA CYS C 171 -33.43 5.69 -16.27
C CYS C 171 -33.48 4.14 -16.28
N ALA C 172 -32.38 3.51 -16.69
CA ALA C 172 -32.26 2.07 -16.66
C ALA C 172 -31.61 1.72 -15.34
N GLY C 173 -32.23 0.83 -14.58
CA GLY C 173 -31.60 0.45 -13.34
C GLY C 173 -30.24 -0.18 -13.56
N LEU C 174 -29.23 0.31 -12.85
CA LEU C 174 -27.97 -0.43 -12.81
C LEU C 174 -27.93 -1.35 -11.59
N LYS C 175 -27.46 -2.58 -11.79
CA LYS C 175 -27.18 -3.48 -10.67
C LYS C 175 -25.87 -4.22 -10.91
N ARG C 176 -24.97 -4.09 -9.95
CA ARG C 176 -23.56 -4.50 -10.08
C ARG C 176 -23.29 -5.82 -10.81
N SER C 177 -24.24 -6.74 -10.74
CA SER C 177 -24.07 -8.09 -11.29
C SER C 177 -24.09 -8.09 -12.82
N TYR C 178 -24.58 -7.02 -13.44
CA TYR C 178 -24.50 -6.85 -14.90
C TYR C 178 -23.06 -6.89 -15.42
N PHE C 179 -22.11 -6.62 -14.53
CA PHE C 179 -20.73 -6.34 -14.96
C PHE C 179 -19.74 -7.39 -14.41
N ALA C 180 -20.11 -8.67 -14.59
CA ALA C 180 -19.50 -9.80 -13.89
C ALA C 180 -18.46 -10.63 -14.68
N SER C 181 -18.97 -11.46 -15.59
CA SER C 181 -18.24 -12.54 -16.27
C SER C 181 -16.79 -12.75 -15.86
N GLY D 1 41.70 -25.45 3.70
CA GLY D 1 41.31 -26.30 4.82
C GLY D 1 40.67 -27.58 4.30
N PRO D 2 40.66 -28.66 5.13
CA PRO D 2 40.18 -30.00 4.74
C PRO D 2 38.83 -30.07 3.99
N SER D 3 38.11 -28.96 3.88
CA SER D 3 36.83 -28.91 3.15
C SER D 3 36.93 -29.51 1.75
N LEU D 4 38.14 -29.48 1.20
CA LEU D 4 38.38 -29.90 -0.15
C LEU D 4 38.55 -31.40 -0.23
N ASP D 5 38.63 -32.06 0.92
CA ASP D 5 38.63 -33.52 0.92
C ASP D 5 37.34 -33.97 0.24
N PHE D 6 36.27 -33.23 0.53
CA PHE D 6 34.97 -33.53 -0.02
C PHE D 6 34.96 -33.35 -1.53
N ALA D 7 35.10 -32.10 -1.97
CA ALA D 7 35.17 -31.76 -3.38
C ALA D 7 36.19 -32.61 -4.15
N LEU D 8 37.23 -33.08 -3.48
CA LEU D 8 38.19 -33.95 -4.14
C LEU D 8 37.61 -35.33 -4.33
N SER D 9 37.11 -35.94 -3.26
CA SER D 9 36.49 -37.26 -3.35
C SER D 9 35.39 -37.26 -4.38
N LEU D 10 34.71 -36.12 -4.46
CA LEU D 10 33.57 -35.93 -5.34
C LEU D 10 34.00 -35.83 -6.80
N LEU D 11 35.12 -35.17 -7.03
CA LEU D 11 35.65 -35.00 -8.36
C LEU D 11 36.05 -36.32 -8.99
N ARG D 12 36.74 -37.16 -8.24
CA ARG D 12 37.19 -38.44 -8.77
C ARG D 12 36.05 -39.39 -9.10
N ARG D 13 35.08 -39.50 -8.19
CA ARG D 13 34.05 -40.52 -8.34
C ARG D 13 32.80 -39.96 -9.07
N ASN D 14 32.74 -38.65 -9.32
CA ASN D 14 31.49 -38.05 -9.80
C ASN D 14 31.51 -36.91 -10.82
N VAL D 15 32.59 -36.16 -10.93
CA VAL D 15 32.52 -35.00 -11.80
C VAL D 15 33.40 -35.18 -13.04
N ARG D 16 32.76 -34.98 -14.20
CA ARG D 16 33.30 -35.36 -15.51
C ARG D 16 33.33 -34.24 -16.59
N GLN D 17 34.48 -34.10 -17.28
CA GLN D 17 34.66 -33.30 -18.51
C GLN D 17 33.72 -33.70 -19.66
N VAL D 18 32.89 -32.78 -20.11
CA VAL D 18 31.84 -33.10 -21.07
C VAL D 18 31.92 -32.11 -22.22
N GLN D 19 31.23 -32.43 -23.32
CA GLN D 19 31.05 -31.48 -24.43
C GLN D 19 29.84 -31.82 -25.31
N THR D 20 29.12 -30.78 -25.71
CA THR D 20 28.00 -30.89 -26.63
C THR D 20 28.29 -30.03 -27.84
N ASP D 21 27.38 -29.98 -28.81
CA ASP D 21 27.61 -29.12 -29.97
C ASP D 21 27.57 -27.65 -29.58
N GLN D 22 27.37 -27.43 -28.28
CA GLN D 22 27.27 -26.12 -27.67
C GLN D 22 28.50 -25.74 -26.88
N GLY D 23 29.55 -26.53 -26.99
CA GLY D 23 30.77 -26.23 -26.25
C GLY D 23 30.92 -27.04 -24.97
N HIS D 24 31.75 -26.54 -24.06
CA HIS D 24 32.20 -27.32 -22.90
C HIS D 24 31.50 -27.02 -21.57
N PHE D 25 31.07 -28.10 -20.91
CA PHE D 25 30.52 -27.97 -19.59
C PHE D 25 31.07 -29.03 -18.64
N THR D 26 30.85 -28.81 -17.36
CA THR D 26 31.16 -29.82 -16.37
C THR D 26 29.95 -30.74 -16.24
N MET D 27 30.13 -31.95 -15.74
CA MET D 27 28.96 -32.78 -15.59
C MET D 27 28.95 -33.50 -14.24
N LEU D 28 27.85 -33.35 -13.50
CA LEU D 28 27.74 -34.04 -12.24
C LEU D 28 27.05 -35.38 -12.47
N GLY D 29 27.82 -36.46 -12.36
CA GLY D 29 27.21 -37.78 -12.34
C GLY D 29 26.66 -38.00 -10.95
N VAL D 30 25.41 -38.48 -10.86
CA VAL D 30 24.73 -38.52 -9.55
C VAL D 30 24.63 -39.93 -8.94
N ARG D 31 23.83 -40.80 -9.54
CA ARG D 31 23.81 -42.20 -9.16
C ARG D 31 23.40 -43.02 -10.37
N ASP D 32 23.97 -44.22 -10.49
CA ASP D 32 23.66 -45.12 -11.60
C ASP D 32 23.98 -44.46 -12.92
N ARG D 33 23.13 -44.60 -13.91
CA ARG D 33 23.49 -44.09 -15.22
C ARG D 33 22.98 -42.66 -15.50
N LEU D 34 22.72 -41.93 -14.44
CA LEU D 34 22.04 -40.65 -14.56
C LEU D 34 22.89 -39.52 -14.02
N ALA D 35 23.04 -38.48 -14.83
CA ALA D 35 23.84 -37.29 -14.48
C ALA D 35 22.97 -36.05 -14.56
N VAL D 36 23.53 -34.89 -14.22
CA VAL D 36 22.82 -33.63 -14.49
C VAL D 36 23.65 -32.66 -15.30
N LEU D 37 22.94 -31.92 -16.14
CA LEU D 37 23.60 -30.92 -16.95
C LEU D 37 22.81 -29.63 -16.83
N PRO D 38 23.44 -28.50 -17.22
CA PRO D 38 22.70 -27.24 -17.32
C PRO D 38 21.87 -27.25 -18.62
N ARG D 39 20.63 -26.78 -18.58
CA ARG D 39 19.72 -26.91 -19.73
C ARG D 39 20.29 -26.35 -21.03
N HIS D 40 21.15 -25.36 -20.93
CA HIS D 40 21.52 -24.66 -22.14
C HIS D 40 22.64 -25.42 -22.78
N SER D 41 23.21 -26.38 -22.05
CA SER D 41 24.21 -27.29 -22.59
C SER D 41 23.66 -28.01 -23.82
N GLN D 42 22.39 -28.40 -23.70
CA GLN D 42 21.62 -29.08 -24.76
C GLN D 42 22.28 -30.34 -25.29
N PRO D 43 22.12 -31.43 -24.54
CA PRO D 43 22.53 -32.76 -24.98
C PRO D 43 21.77 -33.20 -26.25
N GLY D 44 22.48 -33.83 -27.19
CA GLY D 44 21.84 -34.48 -28.31
C GLY D 44 21.59 -35.95 -27.99
N LYS D 45 21.63 -36.81 -29.02
CA LYS D 45 21.39 -38.25 -28.83
C LYS D 45 22.69 -38.90 -28.35
N THR D 46 23.79 -38.39 -28.87
CA THR D 46 25.08 -38.72 -28.27
C THR D 46 25.72 -37.47 -27.65
N ILE D 47 26.60 -37.67 -26.66
CA ILE D 47 27.32 -36.60 -26.00
C ILE D 47 28.76 -37.04 -25.71
N TRP D 48 29.72 -36.13 -25.87
CA TRP D 48 31.12 -36.49 -25.66
C TRP D 48 31.59 -36.28 -24.23
N ILE D 49 31.72 -37.40 -23.51
CA ILE D 49 32.22 -37.37 -22.16
C ILE D 49 33.64 -37.90 -22.09
N GLU D 50 34.53 -37.06 -21.57
CA GLU D 50 35.86 -37.47 -21.23
C GLU D 50 36.61 -38.03 -22.43
N HIS D 51 36.56 -37.31 -23.54
CA HIS D 51 37.24 -37.71 -24.77
C HIS D 51 36.71 -38.99 -25.43
N LYS D 52 35.53 -39.47 -25.05
CA LYS D 52 34.91 -40.51 -25.86
C LYS D 52 33.37 -40.40 -25.89
N LEU D 53 32.78 -40.66 -27.06
CA LEU D 53 31.35 -40.48 -27.30
C LEU D 53 30.45 -41.46 -26.53
N VAL D 54 29.20 -41.06 -26.24
CA VAL D 54 28.26 -41.85 -25.41
C VAL D 54 26.77 -41.73 -25.85
N ASN D 55 26.06 -42.85 -25.82
CA ASN D 55 24.63 -42.82 -26.11
C ASN D 55 23.85 -42.17 -24.96
N VAL D 56 23.30 -40.98 -25.20
CA VAL D 56 22.33 -40.43 -24.26
C VAL D 56 21.02 -41.22 -24.42
N LEU D 57 20.33 -41.51 -23.31
CA LEU D 57 19.10 -42.30 -23.38
C LEU D 57 17.88 -41.46 -23.02
N ASP D 58 17.85 -40.97 -21.78
CA ASP D 58 16.86 -39.99 -21.32
C ASP D 58 17.32 -38.55 -21.62
N ALA D 59 16.40 -37.59 -21.74
CA ALA D 59 16.76 -36.17 -21.76
C ALA D 59 15.63 -35.28 -21.23
N VAL D 60 15.64 -35.02 -19.91
CA VAL D 60 14.58 -34.24 -19.25
C VAL D 60 15.00 -32.84 -18.77
N GLU D 61 14.52 -31.79 -19.43
CA GLU D 61 14.72 -30.43 -18.92
C GLU D 61 13.72 -30.05 -17.77
N LEU D 62 14.19 -30.05 -16.52
CA LEU D 62 13.37 -29.66 -15.37
C LEU D 62 12.63 -28.35 -15.49
N VAL D 63 11.38 -28.34 -15.05
CA VAL D 63 10.62 -27.09 -15.00
C VAL D 63 9.85 -26.87 -13.67
N ASP D 64 9.96 -25.64 -13.15
CA ASP D 64 9.34 -25.23 -11.87
C ASP D 64 7.87 -25.61 -11.91
N GLU D 65 7.31 -25.81 -10.74
CA GLU D 65 5.92 -26.24 -10.59
C GLU D 65 4.89 -25.25 -11.19
N GLN D 66 5.38 -24.28 -11.96
CA GLN D 66 4.55 -23.46 -12.82
C GLN D 66 5.06 -23.58 -14.24
N GLY D 67 6.18 -24.27 -14.39
CA GLY D 67 6.70 -24.53 -15.72
C GLY D 67 7.84 -23.62 -16.10
N VAL D 68 8.42 -22.98 -15.09
CA VAL D 68 9.60 -22.16 -15.30
C VAL D 68 10.82 -23.05 -15.51
N SER D 69 11.71 -22.64 -16.43
CA SER D 69 13.00 -23.30 -16.61
C SER D 69 13.81 -23.27 -15.33
N LEU D 70 14.15 -24.44 -14.79
CA LEU D 70 15.06 -24.46 -13.65
C LEU D 70 16.51 -24.56 -14.14
N GLU D 71 16.65 -24.59 -15.48
CA GLU D 71 17.93 -24.57 -16.21
C GLU D 71 18.72 -25.84 -16.01
N LEU D 72 18.02 -26.89 -15.62
CA LEU D 72 18.64 -28.18 -15.44
C LEU D 72 18.17 -29.11 -16.52
N THR D 73 18.97 -30.12 -16.77
CA THR D 73 18.68 -31.17 -17.74
C THR D 73 19.21 -32.48 -17.17
N LEU D 74 18.30 -33.42 -16.89
CA LEU D 74 18.70 -34.72 -16.38
C LEU D 74 18.71 -35.73 -17.50
N ILE D 75 19.75 -36.57 -17.54
CA ILE D 75 19.95 -37.52 -18.63
C ILE D 75 20.49 -38.84 -18.18
N THR D 76 20.09 -39.90 -18.86
CA THR D 76 20.64 -41.23 -18.61
C THR D 76 21.60 -41.66 -19.71
N LEU D 77 22.79 -42.09 -19.31
CA LEU D 77 23.84 -42.46 -20.26
C LEU D 77 24.06 -43.96 -20.26
N ASP D 78 24.52 -44.51 -21.37
CA ASP D 78 24.67 -45.98 -21.43
C ASP D 78 26.12 -46.44 -21.42
N THR D 79 26.49 -47.01 -20.27
CA THR D 79 27.67 -47.86 -20.10
C THR D 79 27.58 -48.54 -18.74
N ASN D 80 28.39 -49.56 -18.53
CA ASN D 80 28.28 -50.40 -17.33
C ASN D 80 28.78 -49.71 -16.05
N GLU D 81 29.36 -48.52 -16.19
CA GLU D 81 29.80 -47.78 -15.01
C GLU D 81 28.55 -47.29 -14.32
N LYS D 82 28.62 -47.16 -12.99
CA LYS D 82 27.56 -46.52 -12.21
C LYS D 82 28.13 -45.44 -11.26
N PHE D 83 27.85 -44.17 -11.54
CA PHE D 83 28.23 -43.08 -10.63
C PHE D 83 27.94 -43.43 -9.19
N ARG D 84 28.96 -43.51 -8.34
CA ARG D 84 28.69 -43.68 -6.94
C ARG D 84 27.55 -42.74 -6.56
N ASP D 85 26.54 -43.30 -5.90
CA ASP D 85 25.40 -42.50 -5.51
C ASP D 85 25.83 -41.49 -4.47
N ILE D 86 25.72 -40.21 -4.80
CA ILE D 86 26.01 -39.17 -3.83
C ILE D 86 24.80 -38.30 -3.51
N THR D 87 23.62 -38.68 -4.00
CA THR D 87 22.38 -38.02 -3.60
C THR D 87 22.25 -37.86 -2.09
N LYS D 88 22.95 -38.69 -1.33
CA LYS D 88 22.87 -38.62 0.11
C LYS D 88 23.50 -37.33 0.61
N PHE D 89 24.15 -36.59 -0.27
CA PHE D 89 24.77 -35.34 0.14
C PHE D 89 24.10 -34.09 -0.39
N ILE D 90 23.35 -34.25 -1.48
CA ILE D 90 22.41 -33.21 -1.91
C ILE D 90 21.41 -32.95 -0.79
N PRO D 91 21.19 -31.67 -0.43
CA PRO D 91 20.26 -31.41 0.68
C PRO D 91 18.81 -31.83 0.41
N GLU D 92 18.08 -32.05 1.51
CA GLU D 92 16.61 -32.11 1.54
C GLU D 92 16.00 -31.08 0.61
N ASN D 93 16.12 -29.82 1.02
CA ASN D 93 15.66 -28.70 0.21
C ASN D 93 16.83 -27.77 -0.12
N ILE D 94 16.68 -27.01 -1.21
CA ILE D 94 17.73 -26.14 -1.76
C ILE D 94 18.37 -25.31 -0.65
N SER D 95 19.69 -25.27 -0.62
CA SER D 95 20.36 -24.81 0.59
C SER D 95 21.46 -23.80 0.38
N THR D 96 21.35 -22.70 1.11
CA THR D 96 22.40 -21.70 1.16
C THR D 96 23.62 -22.34 1.79
N ALA D 97 24.79 -21.76 1.57
CA ALA D 97 26.02 -22.30 2.13
C ALA D 97 26.96 -21.18 2.61
N SER D 98 28.07 -21.56 3.23
CA SER D 98 29.05 -20.56 3.61
C SER D 98 30.28 -20.59 2.70
N ASP D 99 31.40 -21.12 3.16
CA ASP D 99 32.61 -20.87 2.39
C ASP D 99 32.74 -21.80 1.24
N ALA D 100 31.84 -21.68 0.29
CA ALA D 100 31.69 -22.67 -0.74
C ALA D 100 32.77 -22.62 -1.81
N THR D 101 32.86 -23.71 -2.53
CA THR D 101 33.90 -23.91 -3.52
C THR D 101 33.26 -24.54 -4.77
N LEU D 102 33.20 -23.74 -5.84
CA LEU D 102 32.70 -24.19 -7.13
C LEU D 102 33.70 -25.16 -7.69
N VAL D 103 33.23 -26.32 -8.16
CA VAL D 103 34.10 -27.38 -8.71
C VAL D 103 33.91 -27.56 -10.22
N ILE D 104 34.98 -27.33 -10.98
CA ILE D 104 34.89 -27.32 -12.44
C ILE D 104 35.78 -28.34 -13.12
N ASN D 105 35.20 -29.13 -14.02
CA ASN D 105 35.96 -30.17 -14.72
C ASN D 105 35.66 -30.26 -16.21
N THR D 106 36.37 -29.48 -17.02
CA THR D 106 36.23 -29.44 -18.48
C THR D 106 37.55 -29.56 -19.20
N GLU D 107 37.50 -30.08 -20.43
CA GLU D 107 38.65 -30.18 -21.31
C GLU D 107 39.50 -28.95 -21.16
N HIS D 108 38.82 -27.81 -21.19
CA HIS D 108 39.46 -26.52 -21.08
C HIS D 108 39.68 -26.10 -19.65
N MET D 109 38.98 -26.70 -18.69
CA MET D 109 39.30 -26.38 -17.31
C MET D 109 39.28 -27.59 -16.44
N PRO D 110 40.34 -28.41 -16.53
CA PRO D 110 40.35 -29.69 -15.82
C PRO D 110 40.75 -29.52 -14.37
N SER D 111 40.20 -30.37 -13.51
CA SER D 111 40.45 -30.33 -12.08
C SER D 111 40.66 -28.90 -11.61
N MET D 112 39.62 -28.08 -11.64
CA MET D 112 39.78 -26.71 -11.19
C MET D 112 38.86 -26.43 -10.01
N PHE D 113 39.39 -25.84 -8.95
CA PHE D 113 38.55 -25.55 -7.81
C PHE D 113 38.54 -24.06 -7.61
N VAL D 114 37.34 -23.50 -7.43
CA VAL D 114 37.12 -22.05 -7.32
C VAL D 114 36.34 -21.68 -6.08
N PRO D 115 36.92 -20.85 -5.21
CA PRO D 115 36.27 -20.46 -3.97
C PRO D 115 35.31 -19.31 -4.19
N VAL D 116 34.04 -19.61 -4.37
CA VAL D 116 33.10 -18.54 -4.69
C VAL D 116 32.54 -17.85 -3.42
N GLY D 117 33.05 -18.21 -2.25
CA GLY D 117 32.61 -17.56 -1.03
C GLY D 117 31.20 -17.89 -0.57
N ASP D 118 30.59 -16.98 0.19
CA ASP D 118 29.24 -17.21 0.70
C ASP D 118 28.26 -17.39 -0.47
N VAL D 119 27.30 -18.29 -0.29
CA VAL D 119 26.27 -18.59 -1.29
C VAL D 119 24.87 -18.22 -0.80
N VAL D 120 24.38 -17.11 -1.33
CA VAL D 120 23.15 -16.48 -0.90
C VAL D 120 22.00 -16.98 -1.76
N GLN D 121 20.77 -16.91 -1.23
CA GLN D 121 19.56 -17.32 -1.96
C GLN D 121 19.19 -16.28 -3.00
N TYR D 122 18.58 -16.69 -4.11
CA TYR D 122 18.15 -15.69 -5.11
C TYR D 122 16.67 -15.78 -5.52
N GLY D 123 16.26 -16.96 -5.97
CA GLY D 123 14.94 -17.12 -6.56
C GLY D 123 14.96 -16.79 -8.03
N PHE D 124 13.96 -16.03 -8.48
CA PHE D 124 13.76 -15.71 -9.90
C PHE D 124 15.04 -15.14 -10.52
N LEU D 125 15.29 -15.38 -11.81
CA LEU D 125 16.48 -14.84 -12.46
C LEU D 125 16.34 -14.79 -13.97
N ASN D 126 16.32 -13.58 -14.51
CA ASN D 126 16.13 -13.37 -15.92
C ASN D 126 17.43 -12.98 -16.59
N LEU D 127 18.11 -13.97 -17.15
CA LEU D 127 19.46 -13.79 -17.67
C LEU D 127 19.51 -13.62 -19.19
N SER D 128 18.37 -13.38 -19.83
CA SER D 128 18.35 -13.50 -21.29
C SER D 128 17.08 -13.01 -22.00
N GLY D 129 16.08 -12.66 -21.20
CA GLY D 129 14.72 -12.74 -21.66
C GLY D 129 14.41 -14.23 -21.64
N LYS D 130 14.96 -14.92 -20.64
CA LYS D 130 14.71 -16.33 -20.40
C LYS D 130 14.81 -16.59 -18.94
N PRO D 131 13.66 -16.59 -18.28
CA PRO D 131 13.57 -16.74 -16.83
C PRO D 131 14.19 -18.05 -16.36
N THR D 132 14.57 -18.07 -15.08
CA THR D 132 15.10 -19.26 -14.45
C THR D 132 14.90 -19.09 -12.96
N HIS D 133 14.22 -20.03 -12.34
CA HIS D 133 13.83 -19.90 -10.96
C HIS D 133 14.72 -20.72 -10.02
N ARG D 134 14.57 -20.53 -8.70
CA ARG D 134 15.31 -21.29 -7.70
C ARG D 134 16.83 -21.21 -7.83
N THR D 135 17.32 -20.12 -8.38
CA THR D 135 18.75 -19.96 -8.51
C THR D 135 19.34 -19.57 -7.17
N MET D 136 20.64 -19.44 -7.12
CA MET D 136 21.30 -18.87 -5.96
C MET D 136 22.49 -18.02 -6.43
N MET D 137 22.99 -17.17 -5.55
CA MET D 137 23.96 -16.20 -5.98
C MET D 137 25.20 -16.26 -5.13
N TYR D 138 26.35 -16.24 -5.79
CA TYR D 138 27.63 -16.11 -5.12
C TYR D 138 28.30 -14.90 -5.69
N ASN D 139 29.24 -14.38 -4.93
CA ASN D 139 29.95 -13.17 -5.29
C ASN D 139 31.30 -13.54 -5.91
N PHE D 140 31.32 -13.80 -7.22
CA PHE D 140 32.56 -14.19 -7.89
C PHE D 140 32.59 -13.87 -9.39
N PRO D 141 33.71 -13.36 -9.90
CA PRO D 141 33.82 -13.06 -11.33
C PRO D 141 33.90 -14.36 -12.14
N THR D 142 32.75 -15.02 -12.21
CA THR D 142 32.62 -16.34 -12.76
C THR D 142 32.50 -16.20 -14.28
N LYS D 143 33.27 -17.02 -15.01
CA LYS D 143 33.44 -16.81 -16.43
C LYS D 143 32.96 -17.96 -17.29
N ALA D 144 32.73 -17.65 -18.57
CA ALA D 144 32.13 -18.62 -19.50
C ALA D 144 33.00 -19.85 -19.70
N GLY D 145 32.35 -21.01 -19.78
CA GLY D 145 33.06 -22.26 -19.90
C GLY D 145 33.03 -22.96 -18.56
N GLN D 146 32.30 -22.37 -17.63
CA GLN D 146 32.32 -22.87 -16.28
C GLN D 146 30.96 -23.41 -15.87
N CYS D 147 30.00 -23.42 -16.78
CA CYS D 147 28.68 -23.95 -16.41
C CYS D 147 28.80 -25.49 -16.35
N GLY D 148 27.96 -26.12 -15.53
CA GLY D 148 28.09 -27.54 -15.23
C GLY D 148 28.68 -27.72 -13.84
N GLY D 149 29.64 -26.88 -13.52
CA GLY D 149 30.37 -26.98 -12.28
C GLY D 149 29.52 -27.20 -11.05
N VAL D 150 29.89 -28.21 -10.25
CA VAL D 150 29.28 -28.51 -8.95
C VAL D 150 29.62 -27.54 -7.83
N VAL D 151 28.62 -26.82 -7.30
CA VAL D 151 28.83 -25.91 -6.15
C VAL D 151 28.78 -26.66 -4.82
N THR D 152 29.88 -26.70 -4.07
CA THR D 152 29.88 -27.47 -2.82
C THR D 152 30.29 -26.71 -1.59
N SER D 153 29.97 -27.28 -0.44
CA SER D 153 30.35 -26.72 0.84
C SER D 153 30.05 -27.67 1.96
N VAL D 154 30.72 -27.49 3.10
CA VAL D 154 30.66 -28.40 4.26
C VAL D 154 30.52 -29.93 4.00
N GLY D 155 30.27 -30.34 2.77
CA GLY D 155 29.92 -31.72 2.52
C GLY D 155 28.49 -31.73 2.02
N LYS D 156 28.08 -30.58 1.52
CA LYS D 156 26.80 -30.47 0.86
C LYS D 156 27.00 -30.10 -0.60
N ILE D 157 26.00 -30.44 -1.40
CA ILE D 157 26.05 -30.30 -2.85
C ILE D 157 24.79 -29.62 -3.29
N ILE D 158 24.91 -28.32 -3.47
CA ILE D 158 23.75 -27.45 -3.48
C ILE D 158 23.38 -26.86 -4.84
N GLY D 159 24.18 -27.07 -5.87
CA GLY D 159 23.84 -26.48 -7.15
C GLY D 159 24.84 -26.56 -8.28
N ILE D 160 24.41 -26.09 -9.45
CA ILE D 160 25.18 -26.21 -10.68
C ILE D 160 25.38 -24.85 -11.28
N HIS D 161 26.60 -24.50 -11.66
CA HIS D 161 26.83 -23.14 -12.12
C HIS D 161 26.16 -22.91 -13.46
N ILE D 162 25.43 -21.82 -13.57
CA ILE D 162 24.69 -21.56 -14.80
C ILE D 162 24.96 -20.20 -15.43
N GLY D 163 25.36 -19.20 -14.67
CA GLY D 163 25.60 -17.87 -15.24
C GLY D 163 26.15 -16.87 -14.27
N GLY D 164 26.80 -15.85 -14.79
CA GLY D 164 27.35 -14.73 -14.02
C GLY D 164 27.28 -13.42 -14.80
N ASN D 165 28.00 -12.39 -14.35
CA ASN D 165 27.84 -11.09 -15.00
C ASN D 165 29.12 -10.27 -15.00
N GLY D 166 30.17 -10.85 -14.41
CA GLY D 166 31.46 -10.19 -14.36
C GLY D 166 31.78 -9.85 -12.92
N ARG D 167 30.77 -10.01 -12.05
CA ARG D 167 30.95 -9.75 -10.63
C ARG D 167 30.31 -10.85 -9.79
N GLN D 168 29.11 -11.26 -10.18
CA GLN D 168 28.34 -12.19 -9.41
C GLN D 168 28.29 -13.50 -10.16
N GLY D 169 28.05 -14.59 -9.44
CA GLY D 169 27.93 -15.89 -10.09
C GLY D 169 26.61 -16.50 -9.68
N PHE D 170 25.90 -17.16 -10.60
CA PHE D 170 24.61 -17.73 -10.26
C PHE D 170 24.55 -19.20 -10.63
N CYS D 171 23.95 -19.99 -9.74
CA CYS D 171 23.82 -21.43 -9.93
C CYS D 171 22.36 -21.80 -9.96
N ALA D 172 22.03 -22.91 -10.59
CA ALA D 172 20.69 -23.44 -10.47
C ALA D 172 20.71 -24.41 -9.31
N GLY D 173 19.87 -24.15 -8.32
CA GLY D 173 20.00 -24.85 -7.04
C GLY D 173 19.43 -26.25 -6.98
N LEU D 174 20.23 -27.21 -6.53
CA LEU D 174 19.78 -28.61 -6.47
C LEU D 174 19.21 -28.99 -5.09
N LYS D 175 18.10 -29.73 -5.13
CA LYS D 175 17.58 -30.42 -3.94
C LYS D 175 17.36 -31.89 -4.29
N ARG D 176 17.45 -32.74 -3.27
CA ARG D 176 17.63 -34.19 -3.46
C ARG D 176 16.53 -34.83 -4.30
N SER D 177 15.30 -34.42 -4.06
CA SER D 177 14.19 -35.03 -4.77
C SER D 177 14.26 -34.78 -6.27
N TYR D 178 15.21 -33.98 -6.76
CA TYR D 178 15.35 -33.77 -8.23
C TYR D 178 15.80 -35.04 -8.96
N PHE D 179 16.12 -36.08 -8.18
CA PHE D 179 16.70 -37.31 -8.70
C PHE D 179 16.08 -38.52 -7.99
N ALA D 180 14.84 -38.36 -7.53
CA ALA D 180 14.16 -39.35 -6.66
C ALA D 180 14.04 -40.76 -7.27
N SER D 181 13.10 -40.95 -8.20
CA SER D 181 12.73 -42.33 -8.57
C SER D 181 13.82 -43.06 -9.34
N GLY E 1 -6.10 15.00 33.86
CA GLY E 1 -6.64 15.78 34.96
C GLY E 1 -8.12 16.10 34.83
N PRO E 2 -8.82 16.27 35.97
CA PRO E 2 -10.24 16.44 36.34
C PRO E 2 -11.25 16.80 35.27
N SER E 3 -10.97 17.82 34.47
CA SER E 3 -12.01 18.29 33.56
C SER E 3 -12.20 17.38 32.36
N LEU E 4 -11.13 16.73 31.92
CA LEU E 4 -11.26 15.93 30.72
C LEU E 4 -11.39 14.48 31.14
N ASP E 5 -10.92 14.15 32.35
CA ASP E 5 -11.17 12.83 32.91
C ASP E 5 -12.67 12.65 32.70
N PHE E 6 -13.42 13.63 33.17
CA PHE E 6 -14.86 13.65 32.94
C PHE E 6 -15.26 13.55 31.46
N ALA E 7 -14.89 14.55 30.67
CA ALA E 7 -15.35 14.67 29.29
C ALA E 7 -15.17 13.37 28.49
N LEU E 8 -14.03 12.69 28.69
CA LEU E 8 -13.77 11.34 28.14
C LEU E 8 -14.75 10.33 28.71
N SER E 9 -14.69 10.20 30.04
CA SER E 9 -15.61 9.38 30.81
C SER E 9 -17.07 9.43 30.32
N LEU E 10 -17.73 10.57 30.50
CA LEU E 10 -19.09 10.74 29.96
C LEU E 10 -19.12 10.55 28.45
N LEU E 11 -18.52 11.48 27.74
CA LEU E 11 -18.87 11.70 26.35
C LEU E 11 -18.15 10.89 25.28
N ARG E 12 -17.63 9.71 25.60
CA ARG E 12 -16.98 8.91 24.55
C ARG E 12 -18.00 8.45 23.50
N ARG E 13 -18.74 7.39 23.81
CA ARG E 13 -19.76 6.82 22.94
C ARG E 13 -20.52 7.87 22.11
N ASN E 14 -20.83 9.01 22.74
CA ASN E 14 -21.79 9.94 22.14
C ASN E 14 -21.22 11.02 21.22
N VAL E 15 -19.97 10.89 20.79
CA VAL E 15 -19.37 11.88 19.90
C VAL E 15 -18.91 11.24 18.58
N ARG E 16 -19.49 11.66 17.46
CA ARG E 16 -19.23 11.01 16.17
C ARG E 16 -18.42 11.85 15.18
N GLN E 17 -17.78 11.20 14.20
CA GLN E 17 -17.12 11.92 13.12
C GLN E 17 -18.13 12.11 12.00
N VAL E 18 -18.05 13.20 11.23
CA VAL E 18 -19.07 13.51 10.21
C VAL E 18 -18.58 14.38 9.05
N GLN E 19 -18.98 14.01 7.82
CA GLN E 19 -18.71 14.82 6.62
C GLN E 19 -19.96 15.30 5.89
N THR E 20 -20.10 16.62 5.76
CA THR E 20 -21.09 17.22 4.87
C THR E 20 -20.39 17.93 3.73
N ASP E 21 -21.17 18.51 2.82
CA ASP E 21 -20.61 19.06 1.61
C ASP E 21 -20.10 20.48 1.86
N GLN E 22 -19.94 20.81 3.16
CA GLN E 22 -19.04 21.86 3.64
C GLN E 22 -17.67 21.25 3.86
N GLY E 23 -17.65 20.25 4.75
CA GLY E 23 -16.46 19.51 5.15
C GLY E 23 -16.65 18.67 6.41
N HIS E 24 -15.74 18.83 7.37
CA HIS E 24 -15.66 17.94 8.53
C HIS E 24 -16.16 18.60 9.80
N PHE E 25 -17.06 17.92 10.49
CA PHE E 25 -17.55 18.43 11.77
C PHE E 25 -17.67 17.30 12.75
N THR E 26 -17.77 17.68 14.01
CA THR E 26 -18.00 16.72 15.09
C THR E 26 -19.51 16.61 15.33
N MET E 27 -20.00 15.41 15.63
CA MET E 27 -21.42 15.23 15.85
C MET E 27 -21.69 14.69 17.23
N LEU E 28 -22.73 15.23 17.87
CA LEU E 28 -23.11 14.85 19.24
C LEU E 28 -24.41 14.07 19.29
N GLY E 29 -24.34 12.80 19.66
CA GLY E 29 -25.56 12.05 19.88
C GLY E 29 -26.10 12.34 21.26
N VAL E 30 -27.34 12.80 21.36
CA VAL E 30 -27.83 13.15 22.69
C VAL E 30 -28.63 11.98 23.29
N ARG E 31 -29.55 11.43 22.50
CA ARG E 31 -30.36 10.31 22.95
C ARG E 31 -31.12 9.74 21.75
N ASP E 32 -31.31 8.43 21.76
CA ASP E 32 -32.04 7.75 20.68
C ASP E 32 -31.37 7.92 19.31
N ARG E 33 -32.11 8.53 18.38
CA ARG E 33 -31.59 8.74 17.04
C ARG E 33 -31.53 10.23 16.81
N LEU E 34 -31.33 10.98 17.89
CA LEU E 34 -31.28 12.43 17.81
C LEU E 34 -29.90 13.03 18.12
N ALA E 35 -29.50 14.02 17.32
CA ALA E 35 -28.17 14.59 17.42
C ALA E 35 -28.23 16.10 17.21
N VAL E 36 -27.07 16.75 17.33
CA VAL E 36 -26.92 18.18 17.00
C VAL E 36 -25.78 18.40 16.04
N LEU E 37 -25.82 19.51 15.31
CA LEU E 37 -24.72 19.91 14.46
C LEU E 37 -24.80 21.42 14.27
N PRO E 38 -23.63 22.08 14.18
CA PRO E 38 -23.55 23.51 13.90
C PRO E 38 -24.36 23.85 12.67
N ARG E 39 -25.18 24.89 12.73
CA ARG E 39 -26.01 25.21 11.58
C ARG E 39 -25.21 25.17 10.30
N HIS E 40 -24.06 25.82 10.28
CA HIS E 40 -23.29 25.94 9.04
C HIS E 40 -22.71 24.61 8.52
N SER E 41 -22.96 23.50 9.21
CA SER E 41 -22.49 22.21 8.70
C SER E 41 -23.43 21.72 7.59
N GLN E 42 -24.63 22.29 7.58
CA GLN E 42 -25.67 22.05 6.56
C GLN E 42 -26.04 20.57 6.33
N PRO E 43 -26.49 19.87 7.40
CA PRO E 43 -26.86 18.45 7.26
C PRO E 43 -27.98 18.17 6.26
N GLY E 44 -27.64 17.65 5.09
CA GLY E 44 -28.64 17.20 4.13
C GLY E 44 -29.37 15.88 4.45
N LYS E 45 -29.86 15.23 3.40
CA LYS E 45 -30.75 14.09 3.54
C LYS E 45 -30.04 12.82 4.03
N THR E 46 -28.83 12.56 3.58
CA THR E 46 -28.03 11.50 4.19
C THR E 46 -26.63 12.00 4.45
N ILE E 47 -25.96 11.38 5.43
CA ILE E 47 -24.71 11.94 5.94
C ILE E 47 -23.63 10.88 6.22
N TRP E 48 -22.39 11.31 6.43
CA TRP E 48 -21.27 10.40 6.69
C TRP E 48 -20.94 10.28 8.15
N ILE E 49 -21.06 9.06 8.66
CA ILE E 49 -20.77 8.75 10.06
C ILE E 49 -19.78 7.55 10.14
N GLU E 50 -18.61 7.85 10.70
CA GLU E 50 -17.42 6.99 10.73
C GLU E 50 -17.25 6.17 9.43
N HIS E 51 -17.56 6.83 8.31
CA HIS E 51 -17.30 6.40 6.92
C HIS E 51 -18.40 5.58 6.29
N LYS E 52 -19.40 5.19 7.06
CA LYS E 52 -20.57 4.55 6.46
C LYS E 52 -21.76 5.51 6.53
N LEU E 53 -22.53 5.54 5.46
CA LEU E 53 -23.61 6.50 5.34
C LEU E 53 -24.87 6.16 6.13
N VAL E 54 -25.38 7.16 6.87
CA VAL E 54 -26.67 7.09 7.55
C VAL E 54 -27.68 8.12 6.97
N ASN E 55 -28.96 7.73 6.94
CA ASN E 55 -30.02 8.59 6.44
C ASN E 55 -30.46 9.56 7.54
N VAL E 56 -30.65 10.84 7.18
CA VAL E 56 -31.10 11.88 8.14
C VAL E 56 -32.61 12.02 8.15
N LEU E 57 -33.30 11.20 8.94
CA LEU E 57 -34.75 11.25 9.06
C LEU E 57 -35.28 12.67 9.04
N ASP E 58 -34.96 13.41 10.10
CA ASP E 58 -35.42 14.79 10.27
C ASP E 58 -34.26 15.78 10.41
N ALA E 59 -34.55 17.08 10.21
CA ALA E 59 -33.61 18.20 10.49
C ALA E 59 -34.31 19.56 10.72
N VAL E 60 -34.29 20.06 11.96
CA VAL E 60 -34.81 21.42 12.22
C VAL E 60 -33.78 22.34 12.89
N GLU E 61 -33.47 23.45 12.21
CA GLU E 61 -32.60 24.51 12.74
C GLU E 61 -33.20 25.23 13.95
N LEU E 62 -32.36 25.74 14.85
CA LEU E 62 -32.87 26.41 16.06
C LEU E 62 -32.72 27.92 16.03
N VAL E 63 -33.62 28.58 16.74
CA VAL E 63 -33.75 30.03 16.68
C VAL E 63 -34.18 30.64 18.00
N ASP E 64 -33.89 31.94 18.12
CA ASP E 64 -34.23 32.79 19.27
C ASP E 64 -35.76 33.02 19.33
N GLU E 65 -36.28 33.51 20.46
CA GLU E 65 -37.72 33.76 20.56
C GLU E 65 -38.18 34.91 19.64
N GLN E 66 -37.22 35.48 18.91
CA GLN E 66 -37.50 36.45 17.85
C GLN E 66 -36.84 35.98 16.56
N GLY E 67 -36.78 34.66 16.38
CA GLY E 67 -36.20 34.03 15.20
C GLY E 67 -34.76 34.38 14.80
N VAL E 68 -33.90 34.71 15.76
CA VAL E 68 -32.49 34.94 15.42
C VAL E 68 -31.81 33.60 15.45
N SER E 69 -30.58 33.50 14.94
CA SER E 69 -29.89 32.22 14.95
C SER E 69 -29.40 31.87 16.35
N LEU E 70 -29.42 30.58 16.65
CA LEU E 70 -28.71 30.09 17.82
C LEU E 70 -27.58 29.18 17.32
N GLU E 71 -27.47 29.10 15.98
CA GLU E 71 -26.39 28.43 15.25
C GLU E 71 -26.29 26.90 15.49
N LEU E 72 -27.40 26.28 15.87
CA LEU E 72 -27.43 24.83 16.03
C LEU E 72 -28.27 24.20 14.95
N THR E 73 -28.27 22.88 14.90
CA THR E 73 -29.28 22.17 14.15
C THR E 73 -29.48 20.87 14.85
N LEU E 74 -30.73 20.52 15.11
CA LEU E 74 -31.01 19.22 15.68
C LEU E 74 -31.31 18.30 14.49
N ILE E 75 -30.93 17.03 14.59
CA ILE E 75 -31.17 16.08 13.50
C ILE E 75 -31.50 14.69 14.01
N THR E 76 -32.53 14.08 13.44
CA THR E 76 -32.82 12.69 13.77
C THR E 76 -32.08 11.77 12.82
N LEU E 77 -31.62 10.62 13.30
CA LEU E 77 -30.89 9.71 12.46
C LEU E 77 -31.75 8.52 12.12
N ASP E 78 -31.32 7.77 11.11
CA ASP E 78 -32.04 6.57 10.68
C ASP E 78 -31.16 5.33 10.77
N THR E 79 -30.80 4.99 12.01
CA THR E 79 -30.19 3.72 12.31
C THR E 79 -30.98 3.02 13.35
N ASN E 80 -30.63 1.75 13.52
CA ASN E 80 -31.20 0.92 14.57
C ASN E 80 -30.32 1.02 15.83
N GLU E 81 -29.85 2.23 16.11
CA GLU E 81 -29.07 2.46 17.31
C GLU E 81 -29.55 3.66 18.14
N LYS E 82 -29.77 3.40 19.43
CA LYS E 82 -30.08 4.44 20.39
C LYS E 82 -28.79 4.95 21.07
N PHE E 83 -28.68 6.29 21.12
CA PHE E 83 -27.61 7.00 21.79
C PHE E 83 -27.70 6.89 23.28
N ARG E 84 -26.57 6.61 23.93
CA ARG E 84 -26.48 6.71 25.37
C ARG E 84 -27.04 8.08 25.78
N ASP E 85 -28.11 8.06 26.56
CA ASP E 85 -28.91 9.25 26.84
C ASP E 85 -28.18 10.22 27.77
N ILE E 86 -27.62 11.28 27.18
CA ILE E 86 -26.79 12.21 27.93
C ILE E 86 -27.57 13.38 28.49
N THR E 87 -28.71 13.71 27.90
CA THR E 87 -29.40 14.96 28.21
C THR E 87 -29.38 15.42 29.66
N LYS E 88 -29.43 14.53 30.64
CA LYS E 88 -29.61 15.01 32.00
C LYS E 88 -28.34 15.70 32.55
N PHE E 89 -27.31 15.87 31.71
CA PHE E 89 -26.10 16.64 32.07
C PHE E 89 -26.09 18.05 31.50
N ILE E 90 -26.59 18.18 30.27
CA ILE E 90 -26.93 19.46 29.67
C ILE E 90 -27.74 20.25 30.69
N PRO E 91 -27.31 21.49 31.00
CA PRO E 91 -27.89 22.09 32.20
C PRO E 91 -29.26 22.68 31.93
N GLU E 92 -30.02 22.87 33.00
CA GLU E 92 -31.28 23.62 32.97
C GLU E 92 -31.09 24.96 32.28
N ASN E 93 -30.22 25.76 32.85
CA ASN E 93 -29.91 27.03 32.22
C ASN E 93 -28.55 27.00 31.53
N ILE E 94 -28.44 27.72 30.41
CA ILE E 94 -27.19 27.94 29.70
C ILE E 94 -26.05 28.41 30.61
N SER E 95 -24.99 27.63 30.72
CA SER E 95 -24.07 27.84 31.85
C SER E 95 -22.65 28.30 31.45
N THR E 96 -22.04 29.17 32.24
CA THR E 96 -20.61 29.43 32.09
C THR E 96 -19.93 28.25 32.74
N ALA E 97 -18.65 28.06 32.48
CA ALA E 97 -17.94 26.96 33.11
C ALA E 97 -16.47 27.32 33.32
N SER E 98 -15.72 26.45 33.99
CA SER E 98 -14.35 26.81 34.38
C SER E 98 -13.26 25.96 33.77
N ASP E 99 -12.75 24.98 34.49
CA ASP E 99 -11.73 24.21 33.82
C ASP E 99 -12.51 23.43 32.81
N ALA E 100 -12.53 23.90 31.57
CA ALA E 100 -13.36 23.22 30.56
C ALA E 100 -12.55 22.71 29.39
N THR E 101 -12.93 21.52 28.92
CA THR E 101 -12.23 20.94 27.80
C THR E 101 -13.22 20.81 26.65
N LEU E 102 -12.71 20.92 25.43
CA LEU E 102 -13.54 20.85 24.22
C LEU E 102 -13.30 19.54 23.48
N VAL E 103 -14.40 18.85 23.18
CA VAL E 103 -14.30 17.49 22.68
C VAL E 103 -14.58 17.38 21.18
N ILE E 104 -13.64 16.76 20.48
CA ILE E 104 -13.67 16.77 19.05
C ILE E 104 -13.46 15.39 18.55
N ASN E 105 -14.25 15.05 17.53
CA ASN E 105 -14.13 13.81 16.78
C ASN E 105 -14.46 14.00 15.32
N THR E 106 -13.43 14.10 14.50
CA THR E 106 -13.58 14.11 13.07
C THR E 106 -12.56 13.14 12.52
N GLU E 107 -12.75 12.65 11.30
CA GLU E 107 -11.79 11.75 10.67
C GLU E 107 -10.43 12.38 10.64
N HIS E 108 -10.39 13.69 10.82
CA HIS E 108 -9.18 14.47 10.75
C HIS E 108 -8.56 14.77 12.09
N MET E 109 -9.40 14.91 13.11
CA MET E 109 -8.91 15.04 14.48
C MET E 109 -9.66 14.08 15.42
N PRO E 110 -9.65 12.77 15.11
CA PRO E 110 -10.40 11.76 15.85
C PRO E 110 -10.12 11.76 17.36
N SER E 111 -11.15 11.71 18.19
CA SER E 111 -10.96 11.51 19.62
C SER E 111 -9.95 12.48 20.21
N MET E 112 -10.09 13.75 19.88
CA MET E 112 -9.18 14.75 20.42
C MET E 112 -9.82 15.41 21.61
N PHE E 113 -8.99 15.95 22.51
CA PHE E 113 -9.46 16.73 23.65
C PHE E 113 -8.62 17.99 23.81
N VAL E 114 -9.24 19.15 23.63
CA VAL E 114 -8.50 20.41 23.68
C VAL E 114 -8.89 21.25 24.88
N PRO E 115 -7.94 21.44 25.80
CA PRO E 115 -8.29 22.21 26.99
C PRO E 115 -8.43 23.70 26.68
N VAL E 116 -9.64 24.22 26.84
CA VAL E 116 -9.90 25.58 26.42
C VAL E 116 -10.12 26.52 27.63
N GLY E 117 -9.46 26.24 28.74
CA GLY E 117 -9.55 27.07 29.94
C GLY E 117 -10.96 27.51 30.30
N ASP E 118 -11.08 28.57 31.11
CA ASP E 118 -12.38 29.15 31.51
C ASP E 118 -13.35 29.49 30.37
N VAL E 119 -14.64 29.35 30.63
CA VAL E 119 -15.62 29.78 29.64
C VAL E 119 -16.49 30.85 30.24
N VAL E 120 -16.68 31.91 29.46
CA VAL E 120 -17.41 33.10 29.86
C VAL E 120 -18.60 33.37 28.95
N GLN E 121 -19.64 33.98 29.51
CA GLN E 121 -20.80 34.35 28.71
C GLN E 121 -20.47 35.45 27.70
N TYR E 122 -21.05 35.36 26.52
CA TYR E 122 -20.76 36.31 25.46
C TYR E 122 -22.04 36.78 24.79
N GLY E 123 -22.96 35.86 24.54
CA GLY E 123 -24.28 36.21 24.06
C GLY E 123 -24.36 36.53 22.57
N PHE E 124 -24.27 37.81 22.20
CA PHE E 124 -24.37 38.16 20.78
C PHE E 124 -23.07 37.89 20.02
N LEU E 125 -23.16 37.43 18.79
CA LEU E 125 -21.94 37.24 18.02
C LEU E 125 -22.12 37.42 16.53
N ASN E 126 -21.37 38.34 15.95
CA ASN E 126 -21.25 38.38 14.51
C ASN E 126 -19.79 38.49 14.09
N LEU E 127 -19.40 37.64 13.13
CA LEU E 127 -18.01 37.51 12.73
C LEU E 127 -17.77 37.81 11.24
N SER E 128 -18.81 37.72 10.43
CA SER E 128 -18.68 38.07 9.02
C SER E 128 -20.01 38.26 8.30
N GLY E 129 -21.09 38.43 9.06
CA GLY E 129 -22.39 38.64 8.46
C GLY E 129 -23.54 38.17 9.34
N LYS E 130 -23.78 36.87 9.38
CA LYS E 130 -24.88 36.28 10.14
C LYS E 130 -24.57 36.17 11.64
N PRO E 131 -25.52 36.58 12.48
CA PRO E 131 -25.24 36.59 13.91
C PRO E 131 -25.88 35.43 14.66
N THR E 132 -25.72 35.47 15.97
CA THR E 132 -26.13 34.37 16.83
C THR E 132 -26.31 34.83 18.27
N HIS E 133 -27.20 34.17 18.99
CA HIS E 133 -27.30 34.42 20.41
C HIS E 133 -26.90 33.21 21.18
N ARG E 134 -26.88 33.40 22.50
CA ARG E 134 -26.55 32.35 23.42
C ARG E 134 -25.23 31.68 23.01
N THR E 135 -24.25 32.52 22.68
CA THR E 135 -22.87 32.07 22.44
C THR E 135 -22.05 32.36 23.68
N MET E 136 -20.99 31.57 23.86
CA MET E 136 -20.10 31.71 25.00
C MET E 136 -18.69 31.60 24.52
N MET E 137 -17.77 32.19 25.25
CA MET E 137 -16.47 32.33 24.67
C MET E 137 -15.38 31.78 25.55
N TYR E 138 -14.39 31.18 24.90
CA TYR E 138 -13.20 30.69 25.58
C TYR E 138 -12.03 31.42 24.94
N ASN E 139 -10.95 31.54 25.70
CA ASN E 139 -9.76 32.20 25.19
C ASN E 139 -8.79 31.18 24.69
N PHE E 140 -9.03 30.68 23.48
CA PHE E 140 -8.15 29.66 22.96
C PHE E 140 -8.12 29.63 21.42
N PRO E 141 -6.89 29.69 20.84
CA PRO E 141 -6.54 29.62 19.40
C PRO E 141 -7.27 28.52 18.67
N THR E 142 -8.59 28.57 18.79
CA THR E 142 -9.55 27.71 18.14
C THR E 142 -9.40 27.77 16.61
N LYS E 143 -9.56 26.66 15.92
CA LYS E 143 -9.18 26.62 14.50
C LYS E 143 -10.04 25.77 13.57
N ALA E 144 -9.82 25.93 12.27
CA ALA E 144 -10.68 25.34 11.27
C ALA E 144 -10.85 23.86 11.46
N GLY E 145 -12.10 23.42 11.50
CA GLY E 145 -12.43 22.02 11.46
C GLY E 145 -12.89 21.42 12.76
N GLN E 146 -12.80 22.19 13.85
CA GLN E 146 -13.23 21.72 15.16
C GLN E 146 -14.70 22.03 15.42
N CYS E 147 -15.42 22.37 14.34
CA CYS E 147 -16.79 22.83 14.40
C CYS E 147 -17.71 21.60 14.61
N GLY E 148 -18.68 21.73 15.53
CA GLY E 148 -19.41 20.58 16.05
C GLY E 148 -18.77 20.00 17.31
N GLY E 149 -17.72 20.68 17.74
CA GLY E 149 -16.98 20.30 18.91
C GLY E 149 -17.94 20.43 20.07
N VAL E 150 -17.77 19.56 21.08
CA VAL E 150 -18.67 19.56 22.22
C VAL E 150 -18.00 20.08 23.48
N VAL E 151 -18.22 21.36 23.79
CA VAL E 151 -17.71 22.03 25.01
C VAL E 151 -18.25 21.51 26.35
N THR E 152 -17.47 20.72 27.09
CA THR E 152 -17.96 20.23 28.36
C THR E 152 -17.08 20.61 29.52
N SER E 153 -17.65 20.57 30.71
CA SER E 153 -16.90 20.95 31.88
C SER E 153 -17.43 20.23 33.11
N VAL E 154 -16.50 19.62 33.84
CA VAL E 154 -16.63 19.25 35.25
C VAL E 154 -17.98 18.77 35.81
N GLY E 155 -18.94 18.46 34.95
CA GLY E 155 -20.22 17.97 35.43
C GLY E 155 -21.36 18.23 34.45
N LYS E 156 -21.09 19.06 33.45
CA LYS E 156 -22.13 19.54 32.57
C LYS E 156 -21.64 19.60 31.16
N ILE E 157 -22.56 19.39 30.25
CA ILE E 157 -22.30 19.69 28.87
C ILE E 157 -22.95 21.04 28.62
N ILE E 158 -22.16 22.03 28.20
CA ILE E 158 -22.67 23.38 28.09
C ILE E 158 -22.68 24.01 26.69
N GLY E 159 -22.00 23.42 25.71
CA GLY E 159 -21.88 24.10 24.44
C GLY E 159 -21.42 23.34 23.21
N ILE E 160 -21.73 23.87 22.02
CA ILE E 160 -21.27 23.29 20.77
C ILE E 160 -20.52 24.32 19.95
N HIS E 161 -19.28 24.01 19.66
CA HIS E 161 -18.39 25.01 19.08
C HIS E 161 -18.84 25.41 17.66
N ILE E 162 -18.74 26.70 17.37
CA ILE E 162 -19.19 27.21 16.08
C ILE E 162 -18.16 28.13 15.42
N GLY E 163 -17.25 28.73 16.17
CA GLY E 163 -16.30 29.65 15.57
C GLY E 163 -15.29 30.31 16.48
N GLY E 164 -14.69 31.38 15.99
CA GLY E 164 -13.67 32.10 16.73
C GLY E 164 -12.86 33.04 15.86
N ASN E 165 -11.83 33.68 16.43
CA ASN E 165 -11.04 34.65 15.71
C ASN E 165 -9.54 34.37 15.70
N GLY E 166 -9.10 33.31 16.37
CA GLY E 166 -7.67 32.99 16.42
C GLY E 166 -6.98 33.35 17.72
N ARG E 167 -7.67 34.13 18.54
CA ARG E 167 -7.38 34.18 19.96
C ARG E 167 -8.58 33.63 20.74
N GLN E 168 -9.77 34.01 20.29
CA GLN E 168 -10.98 33.59 20.98
C GLN E 168 -11.60 32.41 20.29
N GLY E 169 -12.37 31.65 21.07
CA GLY E 169 -13.19 30.56 20.54
C GLY E 169 -14.63 30.79 20.96
N PHE E 170 -15.58 30.44 20.09
CA PHE E 170 -16.98 30.71 20.38
C PHE E 170 -17.92 29.51 20.17
N CYS E 171 -18.54 29.10 21.26
CA CYS E 171 -19.51 28.02 21.21
C CYS E 171 -20.92 28.58 21.16
N ALA E 172 -21.82 27.75 20.67
CA ALA E 172 -23.24 27.98 20.90
C ALA E 172 -23.58 27.33 22.24
N GLY E 173 -24.31 28.04 23.10
CA GLY E 173 -24.65 27.50 24.41
C GLY E 173 -25.73 26.44 24.37
N LEU E 174 -25.71 25.50 25.31
CA LEU E 174 -26.72 24.44 25.33
C LEU E 174 -27.54 24.49 26.61
N LYS E 175 -28.85 24.29 26.48
CA LYS E 175 -29.70 23.94 27.62
C LYS E 175 -30.75 22.87 27.30
N ARG E 176 -30.98 22.01 28.29
CA ARG E 176 -31.75 20.78 28.16
C ARG E 176 -33.03 20.87 27.33
N SER E 177 -33.69 22.02 27.48
CA SER E 177 -34.97 22.35 26.85
C SER E 177 -34.86 22.39 25.34
N TYR E 178 -33.67 22.06 24.85
CA TYR E 178 -33.45 21.91 23.42
C TYR E 178 -33.77 20.49 23.01
N PHE E 179 -33.82 19.61 23.98
CA PHE E 179 -33.83 18.19 23.68
C PHE E 179 -35.00 17.49 24.35
N ALA E 180 -36.04 18.27 24.66
CA ALA E 180 -37.34 17.69 24.99
C ALA E 180 -38.29 17.99 23.83
N SER E 181 -38.11 19.15 23.19
CA SER E 181 -38.86 19.50 21.98
C SER E 181 -38.29 18.78 20.77
#